data_6GVI
#
_entry.id   6GVI
#
_cell.length_a   59.330
_cell.length_b   135.780
_cell.length_c   143.150
_cell.angle_alpha   90.00
_cell.angle_beta   90.00
_cell.angle_gamma   90.00
#
_symmetry.space_group_name_H-M   'P 21 21 21'
#
loop_
_entity.id
_entity.type
_entity.pdbx_description
1 polymer 'Phosphatidylinositol 4,5-bisphosphate 3-kinase catalytic subunit alpha isoform'
2 non-polymer 3-(2-azanyl-1,3-benzoxazol-5-yl)-1-propan-2-yl-pyrazolo[3,4-d]pyrimidine-4,6-diamine
3 water water
#
_entity_poly.entity_id   1
_entity_poly.type   'polypeptide(L)'
_entity_poly.pdbx_seq_one_letter_code
;NREEKILNREIGFAIGMPVCEFDMVKDPEVQDFRRNILNVCKEAVDLRDLNSPHSRAMYVYPPNVESSPELPKHIYNKLD
KGQIIVVIWVIVSPNNDKQKYTLKINHDCVPEQVIAEAIRKKTRSMLLSSEQLKLCVLEYQGKYILKVCGCDEYFLEKYP
LSQYKYIRSCIMLGRMPNLMLMAKESLYSQLPMDCFTMPSYSRRISTATPYMNGETSTKSLWVINSALRIKILCATYVNV
NIRDIDKIYVRTGIYHGGEPLCDNVNTQRVPCSNPRWNEWLNYDIYIPDLPRAARLCLSICSVKGRKGAKEEHCPLAWGN
INLFDYTDTLVSGKMALNLWPVPHGLEDLLNPIGVTGSNPNKETPCLELEFDWFSSVVKFPDMSVIEEHANWSVSREAGF
SYSHAGLSNRLARDNELRENDKEQLKAISTRDPLSEITEQEKDFLWSHRHYCVTIPEILPKLLLSVKWNSRDEVAQMYCL
VKDWPPIKPEQAMELLDCNYPDPMVRGFAVRCLEKYLTDDKLSQYLIQLVQVLKYEQYLDNLLVRFLLKKALTNQRIGHF
FFWHLKSEMHNKTVSQRFGLLLESYCRACGMYLKHLNRQVEAMEKLINLTDILKQEKKDETQKVQMKFLVEQMRRPDFMD
ALQGFLSPLNPAHQLGNLRLEECRIMSSAKRPLWLNWENPDIMSELLFQNNEIIFKNGDDLRQDMLTLQIIRIMENIWQN
QGLDLRMLPYGCLSIGDCVGLIEVVRNSHTIMQIQCKGGLKGALQFNSHTLHQWLKDKNKGEIYDAAIDLFTRSCAGYCV
ATFILGIGDRHNSNIMVKDDGQLFHIDFGHFLDHKKKKFGYKRERVPFVLTQDFLIVISKGAQECTKTREFERFQEMCYK
AYLAIRQHANLFINLFSMMLGSGMPELQSFDDIAYIRKTLALDKTEQEALEYFMKQMNDAHHGGWTTKMDWIFHTIKQHA
LN
;
_entity_poly.pdbx_strand_id   A
#
loop_
_chem_comp.id
_chem_comp.type
_chem_comp.name
_chem_comp.formula
FDW non-polymer 3-(2-azanyl-1,3-benzoxazol-5-yl)-1-propan-2-yl-pyrazolo[3,4-d]pyrimidine-4,6-diamine 'C15 H16 N8 O'
#
# COMPACT_ATOMS: atom_id res chain seq x y z
N ASN A 1 26.09 17.93 -19.94
CA ASN A 1 26.58 17.41 -21.21
C ASN A 1 26.88 15.90 -21.06
N ARG A 2 28.12 15.60 -20.64
CA ARG A 2 28.70 14.28 -20.39
C ARG A 2 28.04 13.72 -19.14
N GLU A 3 27.68 14.61 -18.20
CA GLU A 3 27.05 14.26 -16.93
C GLU A 3 25.60 13.80 -17.12
N GLU A 4 24.91 14.29 -18.19
CA GLU A 4 23.52 13.87 -18.50
C GLU A 4 23.53 12.44 -18.94
N LYS A 5 24.47 12.09 -19.84
CA LYS A 5 24.62 10.74 -20.39
C LYS A 5 24.87 9.74 -19.27
N ILE A 6 25.75 10.11 -18.29
CA ILE A 6 26.08 9.27 -17.12
C ILE A 6 24.84 9.03 -16.27
N LEU A 7 24.07 10.10 -16.02
CA LEU A 7 22.83 10.05 -15.27
C LEU A 7 21.79 9.20 -15.99
N ASN A 8 21.68 9.34 -17.30
CA ASN A 8 20.71 8.59 -18.09
C ASN A 8 20.98 7.09 -18.00
N ARG A 9 22.27 6.70 -17.92
CA ARG A 9 22.71 5.31 -17.79
C ARG A 9 22.35 4.74 -16.39
N GLU A 10 22.46 5.60 -15.35
CA GLU A 10 22.13 5.26 -13.96
C GLU A 10 20.63 5.09 -13.80
N ILE A 11 19.83 6.01 -14.36
CA ILE A 11 18.36 5.93 -14.35
C ILE A 11 17.91 4.67 -15.12
N GLY A 12 18.56 4.40 -16.24
CA GLY A 12 18.26 3.23 -17.06
C GLY A 12 18.50 1.94 -16.31
N PHE A 13 19.60 1.87 -15.51
CA PHE A 13 19.92 0.69 -14.72
C PHE A 13 18.87 0.51 -13.62
N ALA A 14 18.49 1.61 -12.94
CA ALA A 14 17.51 1.66 -11.86
C ALA A 14 16.16 1.18 -12.29
N ILE A 15 15.61 1.70 -13.38
CA ILE A 15 14.27 1.35 -13.82
C ILE A 15 14.21 0.06 -14.68
N GLY A 16 15.36 -0.41 -15.14
CA GLY A 16 15.45 -1.61 -15.95
C GLY A 16 15.11 -1.43 -17.43
N MET A 17 15.11 -0.18 -17.92
CA MET A 17 14.87 0.16 -19.32
C MET A 17 15.54 1.47 -19.68
N PRO A 18 16.12 1.61 -20.88
CA PRO A 18 16.85 2.84 -21.20
C PRO A 18 15.97 4.06 -21.35
N VAL A 19 16.46 5.24 -20.88
CA VAL A 19 15.77 6.55 -20.92
C VAL A 19 15.38 6.92 -22.36
N CYS A 20 16.25 6.60 -23.35
CA CYS A 20 16.06 6.86 -24.77
C CYS A 20 14.76 6.28 -25.31
N GLU A 21 14.26 5.17 -24.71
CA GLU A 21 13.00 4.56 -25.11
C GLU A 21 11.80 5.44 -24.82
N PHE A 22 11.91 6.33 -23.79
CA PHE A 22 10.87 7.32 -23.48
C PHE A 22 10.96 8.42 -24.49
N ASP A 23 12.19 8.80 -24.92
CA ASP A 23 12.41 9.85 -25.92
C ASP A 23 11.76 9.52 -27.26
N MET A 24 11.72 8.23 -27.64
CA MET A 24 11.12 7.80 -28.91
C MET A 24 9.58 7.59 -28.86
N VAL A 25 8.93 7.80 -27.70
CA VAL A 25 7.47 7.69 -27.58
C VAL A 25 6.88 8.95 -28.21
N LYS A 26 6.08 8.76 -29.28
CA LYS A 26 5.49 9.89 -30.00
C LYS A 26 4.35 10.56 -29.22
N ASP A 27 3.52 9.76 -28.47
CA ASP A 27 2.40 10.29 -27.66
C ASP A 27 2.73 11.65 -26.95
N PRO A 28 2.02 12.75 -27.30
CA PRO A 28 2.31 14.04 -26.65
C PRO A 28 2.05 14.09 -25.16
N GLU A 29 1.18 13.21 -24.64
CA GLU A 29 0.89 13.16 -23.21
C GLU A 29 2.11 12.68 -22.46
N VAL A 30 2.86 11.73 -23.06
CA VAL A 30 4.07 11.15 -22.48
C VAL A 30 5.15 12.20 -22.44
N GLN A 31 5.32 12.94 -23.53
CA GLN A 31 6.34 13.98 -23.58
C GLN A 31 5.99 15.17 -22.71
N ASP A 32 4.70 15.50 -22.61
CA ASP A 32 4.25 16.59 -21.75
C ASP A 32 4.39 16.17 -20.31
N PHE A 33 4.13 14.87 -19.97
CA PHE A 33 4.30 14.40 -18.58
C PHE A 33 5.75 14.56 -18.18
N ARG A 34 6.66 14.06 -19.00
CA ARG A 34 8.09 14.12 -18.73
C ARG A 34 8.55 15.52 -18.46
N ARG A 35 8.13 16.50 -19.31
CA ARG A 35 8.47 17.93 -19.21
C ARG A 35 7.81 18.57 -17.98
N ASN A 36 6.46 18.61 -17.93
CA ASN A 36 5.65 19.21 -16.88
C ASN A 36 5.90 18.68 -15.45
N ILE A 37 6.11 17.40 -15.24
CA ILE A 37 6.37 16.86 -13.90
C ILE A 37 7.61 17.48 -13.21
N LEU A 38 8.60 17.94 -13.99
CA LEU A 38 9.86 18.49 -13.49
C LEU A 38 9.71 19.64 -12.51
N ASN A 39 8.48 20.21 -12.42
CA ASN A 39 8.24 21.29 -11.46
C ASN A 39 8.15 20.69 -10.05
N VAL A 40 7.64 19.46 -9.92
CA VAL A 40 7.60 18.76 -8.62
C VAL A 40 9.05 18.51 -8.15
N CYS A 41 9.93 18.11 -9.10
CA CYS A 41 11.36 17.89 -8.92
C CYS A 41 12.03 19.15 -8.40
N LYS A 42 11.79 20.31 -9.08
CA LYS A 42 12.32 21.63 -8.70
C LYS A 42 11.90 21.94 -7.27
N GLU A 43 10.57 21.87 -6.98
CA GLU A 43 9.95 22.20 -5.70
C GLU A 43 10.55 21.44 -4.55
N ALA A 44 10.69 20.11 -4.73
CA ALA A 44 11.24 19.19 -3.74
C ALA A 44 12.70 19.49 -3.44
N VAL A 45 13.52 19.74 -4.49
CA VAL A 45 14.94 20.07 -4.36
C VAL A 45 15.15 21.38 -3.57
N ASP A 46 14.29 22.36 -3.85
CA ASP A 46 14.34 23.64 -3.19
C ASP A 46 14.07 23.52 -1.67
N LEU A 47 13.10 22.67 -1.30
CA LEU A 47 12.78 22.40 0.11
C LEU A 47 13.96 21.72 0.84
N ARG A 48 14.75 20.91 0.11
CA ARG A 48 15.92 20.21 0.63
C ARG A 48 17.14 21.09 0.72
N ASP A 49 17.15 22.18 -0.06
CA ASP A 49 18.26 23.12 -0.04
C ASP A 49 17.93 24.36 0.79
N LEU A 50 16.71 24.39 1.38
CA LEU A 50 16.19 25.52 2.17
C LEU A 50 17.06 25.88 3.39
N ASN A 51 17.16 24.97 4.37
CA ASN A 51 17.95 25.18 5.58
C ASN A 51 19.11 24.17 5.60
N SER A 52 19.94 24.16 4.54
CA SER A 52 21.08 23.24 4.43
C SER A 52 22.09 23.54 5.52
N PRO A 53 22.77 22.55 6.12
CA PRO A 53 22.72 21.10 5.87
C PRO A 53 21.59 20.33 6.54
N HIS A 54 20.96 20.90 7.59
CA HIS A 54 19.92 20.22 8.37
C HIS A 54 18.72 19.76 7.55
N SER A 55 18.20 20.60 6.64
CA SER A 55 17.05 20.23 5.81
C SER A 55 17.35 19.09 4.86
N ARG A 56 18.63 18.97 4.45
CA ARG A 56 19.15 17.90 3.60
C ARG A 56 19.28 16.62 4.43
N ALA A 57 19.71 16.73 5.70
CA ALA A 57 19.84 15.60 6.61
C ALA A 57 18.46 15.10 7.01
N MET A 58 17.47 16.00 7.11
CA MET A 58 16.06 15.68 7.41
C MET A 58 15.42 14.89 6.25
N TYR A 59 15.87 15.12 4.99
CA TYR A 59 15.40 14.39 3.82
C TYR A 59 15.99 12.96 3.84
N VAL A 60 17.30 12.87 4.09
CA VAL A 60 18.07 11.63 4.12
C VAL A 60 17.71 10.76 5.34
N TYR A 61 17.66 11.37 6.53
CA TYR A 61 17.34 10.69 7.80
C TYR A 61 16.12 11.32 8.51
N PRO A 62 14.91 11.15 7.92
CA PRO A 62 13.71 11.71 8.54
C PRO A 62 13.36 11.03 9.84
N PRO A 63 12.76 11.78 10.79
CA PRO A 63 12.40 11.17 12.09
C PRO A 63 11.34 10.08 12.00
N ASN A 64 11.72 8.89 12.45
CA ASN A 64 10.84 7.74 12.47
C ASN A 64 10.00 7.83 13.73
N VAL A 65 8.87 8.56 13.59
CA VAL A 65 7.93 8.91 14.66
C VAL A 65 6.49 8.38 14.48
N GLU A 66 5.78 8.26 15.61
CA GLU A 66 4.36 7.90 15.69
C GLU A 66 3.54 9.15 15.28
N SER A 67 2.28 8.97 14.88
CA SER A 67 1.46 10.13 14.47
C SER A 67 1.08 11.07 15.62
N SER A 68 0.72 10.50 16.80
CA SER A 68 0.35 11.25 18.00
C SER A 68 1.38 11.13 19.11
N PRO A 69 1.70 12.27 19.81
CA PRO A 69 2.63 12.21 20.96
C PRO A 69 2.06 11.45 22.14
N GLU A 70 0.72 11.52 22.31
CA GLU A 70 -0.03 10.93 23.42
C GLU A 70 0.16 9.42 23.54
N LEU A 71 0.67 8.99 24.72
CA LEU A 71 0.96 7.61 25.08
C LEU A 71 -0.24 6.93 25.75
N PRO A 72 -0.72 5.75 25.25
CA PRO A 72 -1.79 5.00 25.96
C PRO A 72 -1.48 4.75 27.43
N LYS A 73 -2.53 4.67 28.28
CA LYS A 73 -2.45 4.51 29.74
C LYS A 73 -1.61 3.31 30.19
N HIS A 74 -1.77 2.13 29.54
CA HIS A 74 -1.05 0.91 29.91
C HIS A 74 0.45 0.96 29.51
N ILE A 75 0.79 1.77 28.48
CA ILE A 75 2.17 1.98 28.01
C ILE A 75 2.85 2.95 29.00
N TYR A 76 2.12 3.99 29.46
CA TYR A 76 2.61 4.95 30.45
C TYR A 76 2.92 4.24 31.79
N ASN A 77 2.15 3.17 32.10
CA ASN A 77 2.31 2.35 33.32
C ASN A 77 3.60 1.52 33.33
N LYS A 78 4.17 1.25 32.14
CA LYS A 78 5.43 0.52 32.01
C LYS A 78 6.60 1.43 32.44
N LEU A 79 6.41 2.75 32.35
CA LEU A 79 7.41 3.73 32.78
C LEU A 79 7.45 3.81 34.31
N ASP A 80 8.61 4.20 34.87
CA ASP A 80 8.77 4.38 36.31
C ASP A 80 8.38 5.83 36.64
N LYS A 81 7.09 6.01 36.98
CA LYS A 81 6.49 7.32 37.31
C LYS A 81 6.67 8.32 36.15
N GLY A 82 6.35 7.86 34.95
CA GLY A 82 6.45 8.64 33.72
C GLY A 82 7.85 8.94 33.23
N GLN A 83 8.83 8.15 33.69
CA GLN A 83 10.22 8.33 33.29
C GLN A 83 10.78 7.11 32.63
N ILE A 84 11.71 7.33 31.71
CA ILE A 84 12.39 6.29 30.97
C ILE A 84 13.88 6.27 31.30
N ILE A 85 14.45 5.06 31.41
CA ILE A 85 15.87 4.83 31.61
C ILE A 85 16.45 4.67 30.18
N VAL A 86 17.39 5.56 29.81
CA VAL A 86 18.01 5.61 28.48
C VAL A 86 19.54 5.51 28.62
N VAL A 87 20.19 4.75 27.75
CA VAL A 87 21.65 4.62 27.74
C VAL A 87 22.18 5.42 26.56
N ILE A 88 23.13 6.33 26.82
CA ILE A 88 23.73 7.17 25.79
C ILE A 88 25.21 6.85 25.68
N TRP A 89 25.61 6.36 24.49
CA TRP A 89 26.97 5.99 24.17
C TRP A 89 27.76 7.10 23.52
N VAL A 90 29.04 7.18 23.83
CA VAL A 90 29.96 8.17 23.28
C VAL A 90 31.22 7.43 22.83
N ILE A 91 31.52 7.47 21.50
CA ILE A 91 32.75 6.85 20.96
C ILE A 91 33.85 7.88 21.18
N VAL A 92 34.82 7.54 22.01
CA VAL A 92 35.81 8.54 22.34
C VAL A 92 37.23 8.11 21.96
N SER A 93 37.99 9.07 21.37
CA SER A 93 39.42 9.04 21.02
C SER A 93 39.92 7.77 20.25
N PRO A 94 41.27 7.43 20.26
CA PRO A 94 41.72 6.17 19.60
C PRO A 94 41.08 4.93 20.23
N ASN A 95 41.20 3.76 19.54
CA ASN A 95 40.63 2.46 19.96
C ASN A 95 39.08 2.54 19.91
N ASN A 96 38.54 3.66 19.38
CA ASN A 96 37.12 4.04 19.28
C ASN A 96 36.32 3.62 20.54
N ASP A 97 37.00 3.61 21.72
CA ASP A 97 36.45 3.23 23.02
C ASP A 97 35.04 3.77 23.25
N LYS A 98 34.12 2.85 23.52
CA LYS A 98 32.72 3.13 23.78
C LYS A 98 32.53 3.44 25.25
N GLN A 99 31.79 4.49 25.55
CA GLN A 99 31.51 4.87 26.94
C GLN A 99 30.02 5.11 27.11
N LYS A 100 29.35 4.29 27.93
CA LYS A 100 27.92 4.42 28.21
C LYS A 100 27.65 5.39 29.38
N TYR A 101 26.50 6.08 29.29
CA TYR A 101 26.01 7.01 30.31
C TYR A 101 24.51 6.78 30.45
N THR A 102 24.11 6.06 31.51
CA THR A 102 22.71 5.73 31.76
C THR A 102 21.99 6.91 32.44
N LEU A 103 20.89 7.36 31.82
CA LEU A 103 20.09 8.49 32.28
C LEU A 103 18.67 8.04 32.60
N LYS A 104 18.02 8.69 33.60
CA LYS A 104 16.63 8.47 33.97
C LYS A 104 15.97 9.80 33.68
N ILE A 105 15.18 9.89 32.61
CA ILE A 105 14.55 11.15 32.19
C ILE A 105 13.10 10.98 31.81
N ASN A 106 12.37 12.12 31.77
CA ASN A 106 10.95 12.18 31.42
C ASN A 106 10.78 11.65 30.00
N HIS A 107 9.76 10.84 29.80
CA HIS A 107 9.46 10.23 28.51
C HIS A 107 9.26 11.25 27.36
N ASP A 108 8.75 12.47 27.68
CA ASP A 108 8.46 13.49 26.69
C ASP A 108 9.62 14.49 26.45
N CYS A 109 10.86 14.13 26.86
CA CYS A 109 12.04 14.98 26.64
C CYS A 109 12.41 15.11 25.17
N VAL A 110 12.83 16.29 24.78
CA VAL A 110 13.28 16.58 23.41
C VAL A 110 14.71 16.03 23.29
N PRO A 111 15.12 15.50 22.10
CA PRO A 111 16.52 15.03 21.95
C PRO A 111 17.62 15.97 22.47
N GLU A 112 17.47 17.30 22.24
CA GLU A 112 18.44 18.28 22.73
C GLU A 112 18.51 18.31 24.27
N GLN A 113 17.36 18.03 24.94
CA GLN A 113 17.26 17.95 26.41
C GLN A 113 17.96 16.65 26.85
N VAL A 114 17.81 15.56 26.03
CA VAL A 114 18.43 14.24 26.27
C VAL A 114 19.97 14.35 26.13
N ILE A 115 20.44 15.12 25.11
CA ILE A 115 21.87 15.38 24.86
C ILE A 115 22.46 16.20 26.02
N ALA A 116 21.73 17.22 26.50
CA ALA A 116 22.17 18.07 27.61
C ALA A 116 22.45 17.23 28.87
N GLU A 117 21.47 16.40 29.26
CA GLU A 117 21.56 15.53 30.42
C GLU A 117 22.73 14.55 30.32
N ALA A 118 23.01 14.03 29.09
CA ALA A 118 24.11 13.09 28.84
C ALA A 118 25.46 13.76 28.99
N ILE A 119 25.57 15.01 28.54
CA ILE A 119 26.83 15.72 28.65
C ILE A 119 27.04 16.18 30.11
N ARG A 120 25.95 16.38 30.88
CA ARG A 120 26.00 16.71 32.30
C ARG A 120 26.56 15.54 33.10
N LYS A 121 26.11 14.31 32.79
CA LYS A 121 26.56 13.07 33.42
C LYS A 121 28.02 12.75 33.03
N LYS A 122 28.41 13.09 31.79
CA LYS A 122 29.79 12.94 31.30
C LYS A 122 30.73 13.94 32.02
N THR A 123 30.23 15.18 32.21
CA THR A 123 30.91 16.28 32.90
C THR A 123 30.97 16.06 34.41
N ARG A 124 29.98 15.31 34.98
CA ARG A 124 29.89 15.00 36.41
C ARG A 124 31.19 14.40 36.95
N SER A 125 31.92 13.64 36.08
CA SER A 125 33.23 13.04 36.39
C SER A 125 34.23 14.15 36.79
N MET A 126 34.27 15.26 36.01
CA MET A 126 35.08 16.43 36.29
C MET A 126 34.30 17.29 37.29
N LEU A 127 34.46 16.98 38.60
CA LEU A 127 33.75 17.64 39.72
C LEU A 127 34.02 19.15 39.85
N LEU A 128 34.92 19.70 39.00
CA LEU A 128 35.27 21.13 38.96
C LEU A 128 34.10 21.94 38.35
N SER A 129 33.68 21.55 37.12
CA SER A 129 32.56 22.15 36.37
C SER A 129 31.21 21.90 37.06
N SER A 130 31.09 20.78 37.81
CA SER A 130 29.90 20.33 38.52
C SER A 130 29.28 21.40 39.43
N GLU A 131 30.08 21.98 40.34
CA GLU A 131 29.58 23.02 41.24
C GLU A 131 29.40 24.35 40.47
N GLN A 132 30.51 25.06 40.17
CA GLN A 132 30.49 26.33 39.44
C GLN A 132 30.20 26.13 37.95
N LEU A 133 29.07 26.69 37.48
CA LEU A 133 28.55 26.67 36.10
C LEU A 133 28.55 25.27 35.50
N LYS A 134 27.48 24.51 35.79
CA LYS A 134 27.29 23.14 35.29
C LYS A 134 27.01 23.11 33.77
N LEU A 135 26.77 24.31 33.16
CA LEU A 135 26.45 24.48 31.73
C LEU A 135 27.57 24.04 30.77
N CYS A 136 28.84 24.48 30.99
CA CYS A 136 30.00 24.15 30.12
C CYS A 136 29.70 24.56 28.66
N VAL A 137 29.73 25.89 28.40
CA VAL A 137 29.46 26.54 27.10
C VAL A 137 28.07 26.08 26.54
N LEU A 138 26.98 26.42 27.29
CA LEU A 138 25.55 26.08 27.05
C LEU A 138 25.36 24.61 26.60
N GLU A 139 26.19 23.71 27.18
CA GLU A 139 26.23 22.26 26.93
C GLU A 139 26.31 21.89 25.42
N TYR A 140 26.62 22.88 24.53
CA TYR A 140 26.68 22.76 23.06
C TYR A 140 25.84 21.54 22.53
N GLN A 141 24.54 21.55 22.90
CA GLN A 141 23.53 20.55 22.53
C GLN A 141 23.25 20.63 21.03
N GLY A 142 23.64 21.76 20.43
CA GLY A 142 23.51 22.03 19.00
C GLY A 142 24.71 21.58 18.19
N LYS A 143 25.76 21.03 18.88
CA LYS A 143 27.00 20.50 18.29
C LYS A 143 26.93 18.98 18.12
N TYR A 144 25.91 18.34 18.72
CA TYR A 144 25.65 16.90 18.73
C TYR A 144 24.25 16.52 18.26
N ILE A 145 24.08 15.27 17.84
CA ILE A 145 22.82 14.63 17.43
C ILE A 145 22.80 13.19 17.93
N LEU A 146 21.58 12.66 18.23
CA LEU A 146 21.41 11.29 18.70
C LEU A 146 21.08 10.36 17.56
N LYS A 147 21.79 9.23 17.51
CA LYS A 147 21.61 8.17 16.50
C LYS A 147 21.17 6.91 17.25
N VAL A 148 20.42 6.00 16.59
CA VAL A 148 20.06 4.73 17.20
C VAL A 148 21.28 3.83 17.07
N CYS A 149 21.71 3.17 18.15
CA CYS A 149 22.81 2.22 18.13
C CYS A 149 22.44 0.99 17.27
N GLY A 150 23.29 0.66 16.30
CA GLY A 150 23.12 -0.52 15.47
C GLY A 150 22.47 -0.32 14.11
N CYS A 151 21.89 0.90 13.86
CA CYS A 151 21.24 1.23 12.58
C CYS A 151 21.30 2.71 12.23
N ASP A 152 21.05 3.04 10.95
CA ASP A 152 21.10 4.42 10.46
C ASP A 152 19.79 5.19 10.68
N GLU A 153 19.41 5.36 11.96
N GLU A 153 19.40 5.36 11.95
CA GLU A 153 18.21 6.12 12.36
CA GLU A 153 18.19 6.10 12.35
C GLU A 153 18.66 7.24 13.28
C GLU A 153 18.64 7.23 13.29
N TYR A 154 18.30 8.49 12.93
CA TYR A 154 18.70 9.67 13.71
C TYR A 154 17.48 10.36 14.28
N PHE A 155 17.71 11.17 15.32
CA PHE A 155 16.71 11.92 16.06
C PHE A 155 16.99 13.38 15.76
N LEU A 156 16.77 13.77 14.49
CA LEU A 156 17.11 15.10 14.04
C LEU A 156 16.09 16.18 14.34
N GLU A 157 14.82 15.81 14.67
CA GLU A 157 13.76 16.78 14.93
C GLU A 157 13.31 16.84 16.41
N LYS A 158 12.83 18.03 16.87
CA LYS A 158 12.39 18.38 18.21
C LYS A 158 11.17 17.57 18.77
N TYR A 159 10.93 16.32 18.39
CA TYR A 159 9.79 15.56 18.96
C TYR A 159 10.04 15.05 20.38
N PRO A 160 8.96 14.75 21.18
CA PRO A 160 9.19 14.10 22.48
C PRO A 160 9.78 12.70 22.23
N LEU A 161 10.79 12.30 23.04
CA LEU A 161 11.53 11.05 22.90
C LEU A 161 10.61 9.85 22.68
N SER A 162 9.55 9.73 23.51
CA SER A 162 8.58 8.64 23.44
C SER A 162 7.78 8.56 22.10
N GLN A 163 7.71 9.65 21.31
CA GLN A 163 7.01 9.63 20.02
C GLN A 163 7.84 8.91 18.96
N TYR A 164 9.19 8.87 19.11
CA TYR A 164 10.07 8.15 18.19
C TYR A 164 9.80 6.63 18.31
N LYS A 165 9.58 5.96 17.16
CA LYS A 165 9.16 4.57 17.14
C LYS A 165 10.09 3.63 17.83
N TYR A 166 11.42 3.90 17.79
CA TYR A 166 12.42 3.07 18.47
C TYR A 166 12.21 3.10 20.00
N ILE A 167 11.91 4.29 20.58
CA ILE A 167 11.66 4.49 22.02
C ILE A 167 10.33 3.87 22.47
N ARG A 168 9.22 4.10 21.72
CA ARG A 168 7.90 3.53 22.00
C ARG A 168 8.00 2.00 21.96
N SER A 169 8.75 1.46 20.99
CA SER A 169 9.00 0.04 20.90
C SER A 169 9.78 -0.41 22.13
N CYS A 170 10.81 0.36 22.56
CA CYS A 170 11.64 0.01 23.73
C CYS A 170 10.82 -0.06 25.00
N ILE A 171 9.85 0.88 25.14
CA ILE A 171 8.94 0.97 26.30
C ILE A 171 8.04 -0.26 26.31
N MET A 172 7.31 -0.47 25.20
CA MET A 172 6.38 -1.58 25.03
C MET A 172 7.02 -2.96 25.24
N LEU A 173 8.21 -3.16 24.69
CA LEU A 173 8.89 -4.45 24.74
C LEU A 173 9.76 -4.63 25.97
N GLY A 174 9.86 -3.59 26.80
CA GLY A 174 10.65 -3.62 28.03
C GLY A 174 12.14 -3.78 27.78
N ARG A 175 12.62 -3.10 26.72
CA ARG A 175 14.02 -3.11 26.29
C ARG A 175 14.66 -1.77 26.58
N MET A 176 15.97 -1.77 26.80
CA MET A 176 16.73 -0.58 27.12
C MET A 176 17.10 0.20 25.84
N PRO A 177 16.68 1.48 25.70
CA PRO A 177 17.09 2.24 24.51
C PRO A 177 18.57 2.58 24.59
N ASN A 178 19.32 2.27 23.52
CA ASN A 178 20.74 2.55 23.40
C ASN A 178 20.91 3.50 22.26
N LEU A 179 21.29 4.72 22.57
CA LEU A 179 21.50 5.77 21.58
C LEU A 179 22.95 6.16 21.53
N MET A 180 23.40 6.62 20.37
CA MET A 180 24.77 7.06 20.22
C MET A 180 24.83 8.54 19.95
N LEU A 181 25.60 9.23 20.79
CA LEU A 181 25.87 10.65 20.66
C LEU A 181 26.94 10.81 19.56
N MET A 182 26.58 11.59 18.54
CA MET A 182 27.42 11.84 17.37
C MET A 182 27.51 13.34 17.11
N ALA A 183 28.67 13.83 16.64
CA ALA A 183 28.86 15.25 16.34
C ALA A 183 28.08 15.59 15.06
N LYS A 184 27.39 16.75 15.04
CA LYS A 184 26.58 17.15 13.89
C LYS A 184 27.37 17.20 12.59
N GLU A 185 28.58 17.78 12.64
CA GLU A 185 29.43 17.93 11.46
C GLU A 185 29.92 16.59 10.88
N SER A 186 29.96 15.53 11.74
CA SER A 186 30.35 14.18 11.36
C SER A 186 29.27 13.56 10.46
N LEU A 187 28.00 13.89 10.73
CA LEU A 187 26.90 13.43 9.91
C LEU A 187 26.79 14.31 8.65
N TYR A 188 26.84 15.66 8.80
CA TYR A 188 26.70 16.61 7.68
C TYR A 188 27.74 16.42 6.57
N SER A 189 28.96 16.02 6.94
CA SER A 189 30.04 15.74 5.99
C SER A 189 29.74 14.47 5.18
N GLN A 190 29.04 13.48 5.79
CA GLN A 190 28.64 12.20 5.16
C GLN A 190 27.60 12.46 4.04
N LEU A 191 26.78 13.52 4.22
CA LEU A 191 25.70 14.03 3.36
C LEU A 191 26.28 14.79 2.14
N PRO A 192 26.13 14.30 0.89
CA PRO A 192 26.71 15.05 -0.25
C PRO A 192 25.76 16.11 -0.76
N MET A 193 26.33 17.14 -1.40
CA MET A 193 25.54 18.23 -1.96
C MET A 193 24.72 17.71 -3.14
N ASP A 194 23.47 18.19 -3.25
CA ASP A 194 22.51 17.86 -4.30
C ASP A 194 22.73 18.79 -5.52
N CYS A 195 23.13 18.19 -6.66
CA CYS A 195 23.38 18.86 -7.94
C CYS A 195 22.30 18.50 -9.00
N PHE A 196 21.04 18.93 -8.74
CA PHE A 196 19.92 18.68 -9.64
C PHE A 196 20.01 19.56 -10.86
N THR A 197 19.98 18.95 -12.05
CA THR A 197 20.02 19.67 -13.33
C THR A 197 18.78 19.29 -14.10
N MET A 198 18.21 20.25 -14.84
CA MET A 198 17.05 19.99 -15.68
C MET A 198 17.51 19.20 -16.92
N PRO A 199 16.79 18.14 -17.35
CA PRO A 199 17.19 17.39 -18.53
C PRO A 199 16.95 18.18 -19.82
N SER A 200 17.54 17.73 -20.94
CA SER A 200 17.43 18.40 -22.24
C SER A 200 15.99 18.55 -22.77
N TYR A 201 15.10 17.60 -22.41
CA TYR A 201 13.70 17.59 -22.85
C TYR A 201 12.86 18.66 -22.15
N SER A 202 13.44 19.34 -21.14
CA SER A 202 12.74 20.41 -20.43
C SER A 202 12.61 21.65 -21.31
N ARG A 203 13.60 21.88 -22.21
CA ARG A 203 13.63 23.01 -23.15
C ARG A 203 12.50 22.96 -24.21
N ARG A 204 12.24 21.78 -24.83
CA ARG A 204 11.23 21.52 -25.88
C ARG A 204 9.81 22.03 -25.51
N THR A 218 -11.98 26.85 -31.23
CA THR A 218 -12.31 26.06 -30.03
C THR A 218 -13.78 26.30 -29.62
N LYS A 219 -14.58 25.20 -29.48
CA LYS A 219 -15.99 25.23 -29.07
C LYS A 219 -16.24 24.40 -27.81
N SER A 220 -17.29 24.74 -27.04
CA SER A 220 -17.63 24.01 -25.80
C SER A 220 -18.43 22.77 -26.09
N LEU A 221 -18.27 21.77 -25.19
CA LEU A 221 -18.96 20.47 -25.24
C LEU A 221 -20.48 20.65 -25.16
N TRP A 222 -20.94 21.60 -24.32
CA TRP A 222 -22.37 21.84 -24.08
C TRP A 222 -23.10 22.55 -25.23
N VAL A 223 -22.36 23.08 -26.22
CA VAL A 223 -22.96 23.76 -27.36
C VAL A 223 -23.16 22.80 -28.58
N ILE A 224 -23.10 21.45 -28.33
CA ILE A 224 -23.24 20.38 -29.32
C ILE A 224 -24.58 19.64 -29.09
N ASN A 225 -25.68 20.08 -29.75
CA ASN A 225 -27.04 19.53 -29.60
C ASN A 225 -27.22 18.13 -30.23
N SER A 226 -26.24 17.20 -30.05
CA SER A 226 -26.20 15.87 -30.68
C SER A 226 -25.99 14.68 -29.74
N ALA A 227 -26.46 13.47 -30.15
CA ALA A 227 -26.23 12.22 -29.42
C ALA A 227 -24.84 11.69 -29.83
N LEU A 228 -24.22 10.88 -28.99
CA LEU A 228 -22.88 10.36 -29.27
C LEU A 228 -22.86 9.26 -30.33
N ARG A 229 -21.93 9.39 -31.30
CA ARG A 229 -21.73 8.35 -32.29
C ARG A 229 -20.23 8.07 -32.46
N ILE A 230 -19.91 6.78 -32.57
CA ILE A 230 -18.55 6.27 -32.75
C ILE A 230 -18.55 5.25 -33.88
N LYS A 231 -17.60 5.38 -34.83
CA LYS A 231 -17.49 4.48 -35.96
C LYS A 231 -16.46 3.38 -35.71
N ILE A 232 -16.86 2.12 -35.97
CA ILE A 232 -15.99 0.94 -35.89
C ILE A 232 -15.65 0.59 -37.34
N LEU A 233 -14.38 0.75 -37.73
CA LEU A 233 -13.96 0.52 -39.11
C LEU A 233 -13.62 -0.93 -39.34
N CYS A 234 -12.48 -1.39 -38.82
CA CYS A 234 -12.01 -2.75 -39.02
C CYS A 234 -10.99 -3.16 -37.97
N ALA A 235 -10.71 -4.47 -37.89
CA ALA A 235 -9.74 -5.03 -36.97
C ALA A 235 -8.66 -5.80 -37.76
N THR A 236 -7.41 -5.78 -37.25
CA THR A 236 -6.25 -6.49 -37.79
C THR A 236 -5.62 -7.29 -36.66
N TYR A 237 -4.80 -8.32 -36.99
CA TYR A 237 -4.15 -9.23 -36.03
C TYR A 237 -5.18 -10.03 -35.21
N VAL A 238 -6.35 -10.28 -35.82
CA VAL A 238 -7.43 -11.04 -35.20
C VAL A 238 -7.35 -12.39 -35.86
N ASN A 239 -6.39 -13.18 -35.37
CA ASN A 239 -6.14 -14.53 -35.88
C ASN A 239 -6.89 -15.54 -35.00
N VAL A 240 -7.81 -16.32 -35.62
CA VAL A 240 -8.68 -17.27 -34.93
C VAL A 240 -8.90 -18.54 -35.75
N ASN A 241 -9.14 -19.68 -35.07
CA ASN A 241 -9.39 -20.96 -35.77
C ASN A 241 -10.74 -20.86 -36.47
N ILE A 242 -10.67 -20.68 -37.81
CA ILE A 242 -11.81 -20.48 -38.71
C ILE A 242 -12.71 -21.74 -38.83
N ARG A 243 -12.21 -22.95 -38.44
CA ARG A 243 -12.96 -24.22 -38.42
C ARG A 243 -13.89 -24.26 -37.17
N ASP A 244 -13.43 -23.67 -36.04
CA ASP A 244 -14.13 -23.55 -34.76
C ASP A 244 -15.21 -22.43 -34.82
N ILE A 245 -14.76 -21.14 -34.71
CA ILE A 245 -15.56 -19.91 -34.70
C ILE A 245 -16.32 -19.64 -36.01
N ASP A 246 -17.57 -19.18 -35.87
CA ASP A 246 -18.41 -18.83 -37.01
C ASP A 246 -18.18 -17.35 -37.35
N LYS A 247 -18.74 -16.43 -36.53
CA LYS A 247 -18.66 -14.99 -36.75
C LYS A 247 -18.00 -14.28 -35.54
N ILE A 248 -17.66 -12.98 -35.70
CA ILE A 248 -17.13 -12.07 -34.67
C ILE A 248 -17.85 -10.76 -34.72
N TYR A 249 -17.78 -9.99 -33.63
CA TYR A 249 -18.36 -8.66 -33.51
C TYR A 249 -17.62 -7.84 -32.44
N VAL A 250 -17.76 -6.52 -32.50
CA VAL A 250 -17.18 -5.61 -31.54
C VAL A 250 -18.29 -5.18 -30.60
N ARG A 251 -18.16 -5.49 -29.32
CA ARG A 251 -19.08 -5.04 -28.28
C ARG A 251 -18.53 -3.72 -27.75
N THR A 252 -19.41 -2.72 -27.52
CA THR A 252 -19.00 -1.42 -26.99
C THR A 252 -19.94 -0.93 -25.92
N GLY A 253 -19.45 0.01 -25.11
CA GLY A 253 -20.22 0.65 -24.04
C GLY A 253 -19.58 1.93 -23.56
N ILE A 254 -20.41 2.84 -23.04
CA ILE A 254 -19.93 4.11 -22.49
C ILE A 254 -20.06 4.02 -20.97
N TYR A 255 -18.93 4.22 -20.26
CA TYR A 255 -18.82 4.04 -18.82
C TYR A 255 -18.25 5.22 -18.11
N HIS A 256 -18.64 5.38 -16.83
CA HIS A 256 -18.07 6.35 -15.89
C HIS A 256 -17.52 5.46 -14.79
N GLY A 257 -16.23 5.21 -14.83
CA GLY A 257 -15.66 4.27 -13.90
C GLY A 257 -16.13 2.89 -14.28
N GLY A 258 -16.73 2.18 -13.33
CA GLY A 258 -17.25 0.83 -13.56
C GLY A 258 -18.72 0.76 -13.90
N GLU A 259 -19.42 1.90 -13.91
CA GLU A 259 -20.84 1.88 -14.19
C GLU A 259 -21.22 2.49 -15.57
N PRO A 260 -22.12 1.80 -16.34
CA PRO A 260 -22.53 2.31 -17.66
C PRO A 260 -23.40 3.54 -17.62
N LEU A 261 -23.17 4.46 -18.57
CA LEU A 261 -23.94 5.72 -18.70
C LEU A 261 -25.10 5.57 -19.68
N CYS A 262 -25.14 4.43 -20.39
CA CYS A 262 -26.16 4.08 -21.38
C CYS A 262 -26.05 2.60 -21.72
N ASP A 263 -27.03 2.06 -22.45
CA ASP A 263 -27.04 0.66 -22.88
C ASP A 263 -25.86 0.39 -23.81
N ASN A 264 -25.30 -0.84 -23.76
CA ASN A 264 -24.19 -1.27 -24.61
C ASN A 264 -24.64 -1.49 -26.06
N VAL A 265 -23.81 -1.08 -27.04
CA VAL A 265 -24.10 -1.20 -28.48
C VAL A 265 -23.11 -2.18 -29.16
N ASN A 266 -23.63 -3.18 -29.87
CA ASN A 266 -22.82 -4.16 -30.59
C ASN A 266 -22.85 -3.86 -32.07
N THR A 267 -21.76 -4.23 -32.79
CA THR A 267 -21.72 -4.13 -34.23
C THR A 267 -22.44 -5.33 -34.80
N GLN A 268 -22.60 -5.34 -36.12
CA GLN A 268 -23.16 -6.46 -36.86
C GLN A 268 -22.14 -7.61 -36.78
N ARG A 269 -22.62 -8.87 -36.84
CA ARG A 269 -21.74 -10.04 -36.80
C ARG A 269 -21.10 -10.21 -38.19
N VAL A 270 -19.78 -10.42 -38.22
CA VAL A 270 -19.01 -10.57 -39.46
C VAL A 270 -18.11 -11.81 -39.39
N PRO A 271 -17.86 -12.54 -40.51
CA PRO A 271 -16.94 -13.67 -40.46
C PRO A 271 -15.52 -13.20 -40.16
N CYS A 272 -14.80 -13.94 -39.31
CA CYS A 272 -13.43 -13.64 -38.83
C CYS A 272 -12.37 -13.53 -39.93
N SER A 273 -12.69 -14.07 -41.15
CA SER A 273 -11.83 -14.02 -42.35
C SER A 273 -11.64 -12.57 -42.80
N ASN A 274 -12.71 -11.75 -42.65
CA ASN A 274 -12.73 -10.34 -43.04
C ASN A 274 -13.40 -9.44 -41.95
N PRO A 275 -12.68 -9.11 -40.84
CA PRO A 275 -13.27 -8.25 -39.81
C PRO A 275 -13.27 -6.78 -40.22
N ARG A 276 -14.28 -6.40 -41.01
CA ARG A 276 -14.47 -5.04 -41.53
C ARG A 276 -15.96 -4.67 -41.42
N TRP A 277 -16.30 -3.91 -40.39
CA TRP A 277 -17.67 -3.52 -40.05
C TRP A 277 -18.14 -2.25 -40.71
N ASN A 278 -17.36 -1.15 -40.57
CA ASN A 278 -17.66 0.18 -41.11
C ASN A 278 -19.06 0.70 -40.71
N GLU A 279 -19.41 0.53 -39.42
CA GLU A 279 -20.70 0.90 -38.83
C GLU A 279 -20.54 2.07 -37.85
N TRP A 280 -21.47 3.02 -37.93
CA TRP A 280 -21.53 4.12 -36.97
C TRP A 280 -22.43 3.61 -35.84
N LEU A 281 -21.86 3.37 -34.65
CA LEU A 281 -22.63 2.92 -33.49
C LEU A 281 -23.20 4.13 -32.78
N ASN A 282 -24.51 4.12 -32.55
CA ASN A 282 -25.25 5.20 -31.90
C ASN A 282 -25.59 4.87 -30.45
N TYR A 283 -25.16 5.77 -29.54
CA TYR A 283 -25.34 5.62 -28.10
C TYR A 283 -26.47 6.49 -27.56
N ASP A 284 -27.17 5.98 -26.54
CA ASP A 284 -28.29 6.64 -25.85
C ASP A 284 -27.76 7.65 -24.78
N ILE A 285 -26.95 8.62 -25.24
CA ILE A 285 -26.30 9.65 -24.41
C ILE A 285 -26.12 10.95 -25.21
N TYR A 286 -26.58 12.07 -24.61
CA TYR A 286 -26.48 13.43 -25.18
C TYR A 286 -25.03 13.87 -24.96
N ILE A 287 -24.32 14.34 -26.03
CA ILE A 287 -22.89 14.73 -25.96
C ILE A 287 -22.62 15.72 -24.78
N PRO A 288 -23.41 16.81 -24.59
CA PRO A 288 -23.22 17.68 -23.42
C PRO A 288 -23.34 16.99 -22.05
N ASP A 289 -24.09 15.86 -21.97
CA ASP A 289 -24.25 15.06 -20.75
C ASP A 289 -23.09 14.08 -20.46
N LEU A 290 -22.07 14.00 -21.35
CA LEU A 290 -20.91 13.15 -21.15
C LEU A 290 -20.09 13.69 -19.98
N PRO A 291 -19.93 12.94 -18.85
CA PRO A 291 -19.12 13.44 -17.73
C PRO A 291 -17.64 13.50 -18.11
N ARG A 292 -16.84 14.31 -17.39
CA ARG A 292 -15.40 14.47 -17.63
C ARG A 292 -14.65 13.16 -17.75
N ALA A 293 -14.95 12.20 -16.87
CA ALA A 293 -14.27 10.89 -16.85
C ALA A 293 -14.92 9.78 -17.69
N ALA A 294 -15.75 10.15 -18.67
CA ALA A 294 -16.44 9.19 -19.52
C ALA A 294 -15.44 8.47 -20.42
N ARG A 295 -15.64 7.14 -20.58
CA ARG A 295 -14.76 6.28 -21.36
C ARG A 295 -15.50 5.33 -22.27
N LEU A 296 -14.93 5.07 -23.46
CA LEU A 296 -15.44 4.07 -24.38
C LEU A 296 -14.79 2.77 -23.96
N CYS A 297 -15.61 1.77 -23.63
CA CYS A 297 -15.13 0.42 -23.29
C CYS A 297 -15.58 -0.49 -24.39
N LEU A 298 -14.64 -1.29 -24.93
CA LEU A 298 -14.96 -2.18 -26.03
C LEU A 298 -14.24 -3.52 -25.96
N SER A 299 -14.69 -4.48 -26.78
CA SER A 299 -14.09 -5.81 -26.88
C SER A 299 -14.49 -6.51 -28.18
N ILE A 300 -13.57 -7.32 -28.73
CA ILE A 300 -13.85 -8.15 -29.90
C ILE A 300 -14.31 -9.50 -29.35
N CYS A 301 -15.54 -9.89 -29.70
CA CYS A 301 -16.13 -11.14 -29.24
C CYS A 301 -16.34 -12.11 -30.39
N SER A 302 -16.41 -13.40 -30.06
CA SER A 302 -16.70 -14.47 -31.02
C SER A 302 -18.02 -15.11 -30.63
N VAL A 303 -18.82 -15.49 -31.62
CA VAL A 303 -20.09 -16.15 -31.39
C VAL A 303 -20.17 -17.41 -32.24
N LYS A 304 -20.46 -18.54 -31.60
CA LYS A 304 -20.62 -19.85 -32.24
C LYS A 304 -21.69 -20.62 -31.44
N GLY A 305 -21.74 -21.94 -31.58
CA GLY A 305 -22.69 -22.74 -30.83
C GLY A 305 -22.86 -24.14 -31.37
N ARG A 306 -24.09 -24.65 -31.43
CA ARG A 306 -25.34 -24.02 -30.97
C ARG A 306 -26.09 -25.10 -30.18
N LYS A 307 -26.21 -26.33 -30.80
CA LYS A 307 -26.82 -27.56 -30.26
C LYS A 307 -28.34 -27.40 -29.99
N GLY A 308 -28.92 -26.33 -30.56
CA GLY A 308 -30.33 -25.98 -30.39
C GLY A 308 -30.58 -25.21 -29.10
N ALA A 309 -29.48 -24.81 -28.42
CA ALA A 309 -29.44 -24.07 -27.17
C ALA A 309 -28.84 -22.68 -27.36
N LYS A 310 -29.15 -21.74 -26.41
CA LYS A 310 -28.67 -20.35 -26.38
C LYS A 310 -27.18 -20.24 -26.73
N GLU A 311 -26.88 -19.39 -27.72
CA GLU A 311 -25.57 -19.10 -28.35
C GLU A 311 -24.38 -18.97 -27.39
N GLU A 312 -23.17 -19.28 -27.92
CA GLU A 312 -21.89 -19.31 -27.21
C GLU A 312 -20.98 -18.06 -27.45
N HIS A 313 -21.20 -16.96 -26.67
CA HIS A 313 -20.40 -15.73 -26.77
C HIS A 313 -19.13 -15.84 -25.96
N CYS A 314 -18.03 -15.25 -26.44
CA CYS A 314 -16.72 -15.31 -25.79
C CYS A 314 -15.87 -14.08 -26.16
N PRO A 315 -15.35 -13.30 -25.17
CA PRO A 315 -14.49 -12.16 -25.53
C PRO A 315 -13.08 -12.63 -25.91
N LEU A 316 -12.55 -12.13 -27.03
CA LEU A 316 -11.23 -12.50 -27.57
C LEU A 316 -10.17 -11.55 -27.08
N ALA A 317 -10.48 -10.24 -27.14
CA ALA A 317 -9.63 -9.15 -26.67
C ALA A 317 -10.46 -7.95 -26.25
N TRP A 318 -9.92 -7.11 -25.37
CA TRP A 318 -10.62 -5.92 -24.88
C TRP A 318 -9.76 -4.65 -24.95
N GLY A 319 -10.42 -3.50 -24.83
CA GLY A 319 -9.75 -2.21 -24.83
C GLY A 319 -10.64 -1.11 -24.33
N ASN A 320 -10.06 -0.14 -23.56
CA ASN A 320 -10.78 1.03 -23.04
C ASN A 320 -10.09 2.32 -23.49
N ILE A 321 -10.89 3.34 -23.83
CA ILE A 321 -10.44 4.66 -24.30
C ILE A 321 -11.12 5.80 -23.49
N ASN A 322 -10.36 6.87 -23.18
CA ASN A 322 -10.89 8.06 -22.54
C ASN A 322 -11.56 8.85 -23.66
N LEU A 323 -12.84 9.23 -23.47
CA LEU A 323 -13.57 10.00 -24.47
C LEU A 323 -13.06 11.43 -24.57
N PHE A 324 -12.32 11.87 -23.53
CA PHE A 324 -11.68 13.18 -23.48
C PHE A 324 -10.23 12.94 -23.22
N ASP A 325 -9.35 13.60 -23.99
CA ASP A 325 -7.90 13.48 -23.80
C ASP A 325 -7.41 14.32 -22.57
N TYR A 326 -6.10 14.29 -22.27
CA TYR A 326 -5.50 14.97 -21.14
C TYR A 326 -5.66 16.46 -21.17
N THR A 327 -5.88 17.03 -22.34
CA THR A 327 -6.06 18.47 -22.49
C THR A 327 -7.56 18.89 -22.45
N ASP A 328 -8.47 18.02 -21.96
CA ASP A 328 -9.93 18.25 -21.88
C ASP A 328 -10.60 18.27 -23.28
N THR A 329 -9.88 17.79 -24.32
CA THR A 329 -10.40 17.77 -25.69
C THR A 329 -11.19 16.50 -25.93
N LEU A 330 -12.45 16.63 -26.40
CA LEU A 330 -13.28 15.47 -26.74
C LEU A 330 -12.64 14.85 -28.00
N VAL A 331 -12.21 13.56 -27.90
CA VAL A 331 -11.50 12.80 -28.95
C VAL A 331 -12.25 12.88 -30.26
N SER A 332 -11.50 13.21 -31.32
CA SER A 332 -12.03 13.40 -32.67
C SER A 332 -11.07 12.82 -33.71
N GLY A 333 -11.61 12.47 -34.86
CA GLY A 333 -10.83 11.92 -35.96
C GLY A 333 -10.64 10.44 -35.87
N LYS A 334 -9.67 9.93 -36.64
CA LYS A 334 -9.35 8.51 -36.71
C LYS A 334 -8.47 8.10 -35.54
N MET A 335 -8.65 6.88 -35.04
CA MET A 335 -7.89 6.36 -33.90
C MET A 335 -7.77 4.86 -33.99
N ALA A 336 -6.58 4.32 -33.71
CA ALA A 336 -6.39 2.88 -33.70
C ALA A 336 -5.98 2.39 -32.32
N LEU A 337 -6.73 1.39 -31.82
CA LEU A 337 -6.49 0.85 -30.49
C LEU A 337 -6.03 -0.62 -30.56
N ASN A 338 -4.81 -0.88 -30.01
CA ASN A 338 -4.27 -2.25 -29.91
C ASN A 338 -4.80 -2.80 -28.60
N LEU A 339 -5.51 -3.91 -28.69
CA LEU A 339 -6.24 -4.51 -27.59
C LEU A 339 -5.42 -5.42 -26.72
N TRP A 340 -5.99 -5.79 -25.57
CA TRP A 340 -5.36 -6.60 -24.55
C TRP A 340 -5.98 -7.98 -24.45
N PRO A 341 -5.23 -8.97 -23.90
CA PRO A 341 -5.82 -10.31 -23.74
C PRO A 341 -6.71 -10.36 -22.51
N VAL A 342 -7.76 -11.20 -22.59
CA VAL A 342 -8.74 -11.34 -21.51
C VAL A 342 -8.12 -12.01 -20.25
N PRO A 343 -8.25 -11.41 -19.04
CA PRO A 343 -7.76 -12.10 -17.84
C PRO A 343 -8.78 -13.16 -17.41
N HIS A 344 -8.32 -14.30 -16.84
CA HIS A 344 -9.21 -15.39 -16.43
C HIS A 344 -10.28 -14.93 -15.45
N GLY A 345 -11.52 -15.25 -15.77
CA GLY A 345 -12.67 -14.90 -14.95
C GLY A 345 -13.25 -13.53 -15.24
N LEU A 346 -13.60 -13.30 -16.51
CA LEU A 346 -14.26 -12.05 -16.89
C LEU A 346 -15.76 -12.41 -16.98
N GLU A 347 -16.56 -11.93 -15.98
CA GLU A 347 -18.00 -12.24 -15.85
C GLU A 347 -18.93 -11.40 -16.78
N ASP A 348 -18.30 -10.70 -17.74
CA ASP A 348 -18.95 -9.90 -18.76
C ASP A 348 -18.09 -9.95 -20.05
N LEU A 349 -18.65 -9.50 -21.19
CA LEU A 349 -17.95 -9.44 -22.47
C LEU A 349 -17.03 -8.20 -22.52
N LEU A 350 -17.32 -7.17 -21.69
CA LEU A 350 -16.52 -5.94 -21.54
C LEU A 350 -15.69 -5.95 -20.25
N ASN A 351 -14.63 -5.12 -20.19
CA ASN A 351 -13.73 -5.01 -19.03
C ASN A 351 -13.53 -3.55 -18.61
N PRO A 352 -14.59 -2.90 -18.05
CA PRO A 352 -14.47 -1.48 -17.71
C PRO A 352 -13.53 -1.18 -16.58
N ILE A 353 -13.28 -2.14 -15.69
CA ILE A 353 -12.33 -1.89 -14.60
C ILE A 353 -10.90 -2.02 -15.17
N GLY A 354 -10.74 -2.59 -16.37
CA GLY A 354 -9.46 -2.69 -17.07
C GLY A 354 -8.78 -1.35 -17.35
N VAL A 355 -7.44 -1.41 -17.62
CA VAL A 355 -6.61 -0.22 -17.86
C VAL A 355 -7.00 0.50 -19.15
N THR A 356 -7.09 1.84 -19.10
CA THR A 356 -7.44 2.62 -20.29
C THR A 356 -6.15 2.86 -21.13
N GLY A 357 -6.21 2.54 -22.44
CA GLY A 357 -5.08 2.77 -23.34
C GLY A 357 -4.80 1.68 -24.35
N SER A 358 -3.83 1.96 -25.26
CA SER A 358 -3.39 1.04 -26.30
C SER A 358 -2.31 0.12 -25.79
N ASN A 359 -2.40 -1.16 -26.15
CA ASN A 359 -1.43 -2.18 -25.80
C ASN A 359 -0.09 -1.80 -26.38
N PRO A 360 0.99 -1.69 -25.54
CA PRO A 360 2.34 -1.35 -26.07
C PRO A 360 2.84 -2.32 -27.14
N ASN A 361 2.43 -3.61 -27.05
CA ASN A 361 2.74 -4.64 -28.05
C ASN A 361 1.82 -4.38 -29.24
N LYS A 362 2.42 -4.06 -30.38
CA LYS A 362 1.65 -3.71 -31.57
C LYS A 362 1.34 -4.92 -32.47
N GLU A 363 1.76 -6.12 -32.03
CA GLU A 363 1.49 -7.37 -32.72
C GLU A 363 0.42 -8.12 -31.90
N THR A 364 -0.74 -7.45 -31.75
CA THR A 364 -1.94 -7.83 -30.99
C THR A 364 -3.20 -7.31 -31.72
N PRO A 365 -4.43 -7.85 -31.46
CA PRO A 365 -5.64 -7.35 -32.16
C PRO A 365 -5.74 -5.84 -32.16
N CYS A 366 -5.94 -5.25 -33.33
CA CYS A 366 -5.94 -3.79 -33.50
C CYS A 366 -7.19 -3.26 -34.15
N LEU A 367 -8.08 -2.70 -33.33
CA LEU A 367 -9.32 -2.14 -33.82
C LEU A 367 -9.14 -0.68 -34.25
N GLU A 368 -9.60 -0.38 -35.48
CA GLU A 368 -9.56 0.93 -36.11
C GLU A 368 -10.92 1.59 -35.86
N LEU A 369 -10.90 2.80 -35.34
CA LEU A 369 -12.07 3.57 -34.97
C LEU A 369 -12.01 4.95 -35.57
N GLU A 370 -13.17 5.59 -35.65
CA GLU A 370 -13.28 6.98 -36.05
C GLU A 370 -14.32 7.62 -35.14
N PHE A 371 -13.99 8.79 -34.58
CA PHE A 371 -14.89 9.57 -33.73
C PHE A 371 -15.48 10.72 -34.52
N ASP A 372 -16.43 11.44 -33.94
CA ASP A 372 -17.03 12.58 -34.66
C ASP A 372 -16.12 13.81 -34.67
N TRP A 373 -16.39 14.74 -35.61
CA TRP A 373 -15.69 16.02 -35.81
C TRP A 373 -16.77 17.10 -35.98
N PHE A 374 -16.63 18.21 -35.24
CA PHE A 374 -17.63 19.27 -35.26
C PHE A 374 -17.12 20.63 -35.80
N SER A 375 -16.19 20.59 -36.79
CA SER A 375 -15.61 21.76 -37.49
C SER A 375 -15.00 22.80 -36.52
N SER A 376 -14.43 22.30 -35.41
CA SER A 376 -13.79 23.03 -34.31
C SER A 376 -13.30 22.03 -33.29
N VAL A 377 -12.30 22.45 -32.50
CA VAL A 377 -11.72 21.65 -31.42
C VAL A 377 -12.74 21.69 -30.27
N VAL A 378 -13.33 20.54 -29.93
CA VAL A 378 -14.34 20.45 -28.87
C VAL A 378 -13.64 20.23 -27.55
N LYS A 379 -13.87 21.15 -26.59
CA LYS A 379 -13.29 21.11 -25.24
C LYS A 379 -14.35 21.06 -24.15
N PHE A 380 -14.01 20.42 -23.01
CA PHE A 380 -14.87 20.32 -21.83
C PHE A 380 -14.96 21.73 -21.17
N PRO A 381 -16.16 22.18 -20.67
CA PRO A 381 -16.27 23.54 -20.13
C PRO A 381 -15.44 23.84 -18.92
N ASP A 382 -15.15 25.14 -18.71
CA ASP A 382 -14.39 25.65 -17.58
C ASP A 382 -15.28 25.67 -16.35
N MET A 383 -14.69 25.79 -15.13
CA MET A 383 -15.47 25.81 -13.88
C MET A 383 -16.40 26.98 -13.77
N SER A 384 -16.09 28.09 -14.48
CA SER A 384 -16.93 29.29 -14.55
C SER A 384 -18.26 28.94 -15.25
N VAL A 385 -18.18 28.17 -16.36
CA VAL A 385 -19.35 27.72 -17.12
C VAL A 385 -20.15 26.69 -16.31
N ILE A 386 -19.44 25.83 -15.56
CA ILE A 386 -20.06 24.80 -14.72
C ILE A 386 -20.79 25.42 -13.53
N GLU A 387 -20.17 26.41 -12.84
CA GLU A 387 -20.76 27.13 -11.70
C GLU A 387 -22.02 27.84 -12.10
N GLU A 388 -21.98 28.58 -13.23
CA GLU A 388 -23.12 29.32 -13.78
C GLU A 388 -24.29 28.40 -14.11
N HIS A 389 -24.00 27.20 -14.64
CA HIS A 389 -25.02 26.22 -14.97
C HIS A 389 -25.64 25.59 -13.72
N ALA A 390 -24.82 25.34 -12.68
CA ALA A 390 -25.29 24.79 -11.41
C ALA A 390 -26.17 25.81 -10.68
N ASN A 391 -25.73 27.09 -10.69
CA ASN A 391 -26.48 28.21 -10.10
C ASN A 391 -27.82 28.39 -10.84
N TRP A 392 -27.82 28.21 -12.18
CA TRP A 392 -29.02 28.30 -13.02
C TRP A 392 -30.00 27.16 -12.73
N SER A 393 -29.50 25.92 -12.49
CA SER A 393 -30.29 24.71 -12.19
C SER A 393 -31.09 24.79 -10.86
N VAL A 394 -31.10 25.98 -10.22
CA VAL A 394 -31.79 26.32 -8.96
C VAL A 394 -32.84 27.43 -9.26
N SER A 401 -43.10 26.12 -7.83
CA SER A 401 -43.84 26.30 -6.59
C SER A 401 -43.44 25.28 -5.52
N TYR A 402 -44.12 25.32 -4.36
CA TYR A 402 -43.92 24.41 -3.23
C TYR A 402 -44.20 22.96 -3.65
N SER A 403 -45.37 22.74 -4.29
CA SER A 403 -45.85 21.44 -4.78
C SER A 403 -45.10 20.92 -6.03
N HIS A 404 -44.42 21.82 -6.78
CA HIS A 404 -43.61 21.49 -7.97
C HIS A 404 -42.40 20.65 -7.58
N ALA A 405 -41.80 20.90 -6.38
CA ALA A 405 -40.66 20.11 -5.88
C ALA A 405 -41.06 18.63 -5.68
N GLY A 406 -42.36 18.41 -5.41
CA GLY A 406 -42.98 17.11 -5.21
C GLY A 406 -43.08 16.25 -6.46
N LEU A 407 -42.90 16.84 -7.67
CA LEU A 407 -42.96 16.13 -8.96
C LEU A 407 -41.80 15.12 -9.11
N SER A 408 -40.64 15.39 -8.48
CA SER A 408 -39.49 14.50 -8.50
C SER A 408 -38.95 14.25 -7.09
N ASN A 409 -38.69 12.97 -6.77
CA ASN A 409 -38.15 12.50 -5.50
C ASN A 409 -36.69 12.93 -5.37
N ARG A 410 -36.11 13.40 -6.46
CA ARG A 410 -34.72 13.85 -6.53
C ARG A 410 -34.55 15.38 -6.23
N LEU A 411 -35.61 16.11 -5.77
CA LEU A 411 -35.49 17.54 -5.38
C LEU A 411 -36.31 17.91 -4.13
N ALA A 412 -35.71 18.74 -3.23
CA ALA A 412 -36.33 19.25 -2.00
C ALA A 412 -36.06 20.75 -1.81
N ARG A 413 -37.12 21.53 -1.51
CA ARG A 413 -37.11 22.99 -1.34
C ARG A 413 -36.60 23.50 0.04
N ASP A 414 -36.77 24.82 0.31
CA ASP A 414 -36.37 25.51 1.55
C ASP A 414 -37.19 25.07 2.77
N ASN A 415 -36.48 24.48 3.76
CA ASN A 415 -36.96 23.91 5.02
C ASN A 415 -37.85 22.68 4.76
N GLU A 416 -37.20 21.60 4.27
CA GLU A 416 -37.81 20.29 3.99
C GLU A 416 -36.96 19.20 4.67
N LEU A 417 -36.28 19.57 5.78
CA LEU A 417 -35.40 18.69 6.56
C LEU A 417 -36.01 18.41 7.94
N ARG A 418 -36.71 17.27 8.04
CA ARG A 418 -37.35 16.77 9.27
C ARG A 418 -36.27 16.18 10.20
N GLU A 419 -36.60 15.97 11.50
CA GLU A 419 -35.65 15.38 12.46
C GLU A 419 -35.38 13.89 12.19
N ASN A 420 -36.40 13.17 11.69
CA ASN A 420 -36.29 11.75 11.32
C ASN A 420 -35.36 11.59 10.11
N ASP A 421 -35.53 12.46 9.09
CA ASP A 421 -34.72 12.47 7.87
C ASP A 421 -33.26 12.83 8.14
N LYS A 422 -33.00 13.69 9.14
CA LYS A 422 -31.64 14.06 9.54
C LYS A 422 -30.93 12.87 10.18
N GLU A 423 -31.67 12.10 11.00
CA GLU A 423 -31.16 10.90 11.67
C GLU A 423 -31.05 9.75 10.69
N GLN A 424 -31.89 9.75 9.63
CA GLN A 424 -31.86 8.76 8.55
C GLN A 424 -30.59 8.93 7.72
N LEU A 425 -30.22 10.19 7.40
CA LEU A 425 -28.98 10.52 6.69
C LEU A 425 -27.75 10.15 7.54
N LYS A 426 -27.83 10.35 8.87
CA LYS A 426 -26.78 9.97 9.83
C LYS A 426 -26.63 8.43 9.83
N ALA A 427 -27.76 7.71 9.85
CA ALA A 427 -27.80 6.25 9.83
C ALA A 427 -27.17 5.70 8.56
N ILE A 428 -27.46 6.33 7.40
CA ILE A 428 -26.91 5.95 6.09
C ILE A 428 -25.37 6.14 6.06
N SER A 429 -24.88 7.27 6.61
CA SER A 429 -23.44 7.58 6.62
C SER A 429 -22.60 6.61 7.43
N THR A 430 -23.21 5.98 8.47
CA THR A 430 -22.54 5.00 9.34
C THR A 430 -22.19 3.69 8.60
N ARG A 431 -23.11 3.22 7.73
CA ARG A 431 -23.03 1.99 6.94
C ARG A 431 -21.73 1.82 6.20
N ASP A 432 -21.27 0.59 6.09
CA ASP A 432 -20.00 0.26 5.44
C ASP A 432 -19.98 0.53 3.91
N PRO A 433 -18.76 0.65 3.28
CA PRO A 433 -18.69 0.91 1.83
C PRO A 433 -19.36 -0.12 0.94
N LEU A 434 -19.37 -1.39 1.35
CA LEU A 434 -19.95 -2.49 0.58
C LEU A 434 -21.46 -2.64 0.76
N SER A 435 -22.04 -1.89 1.71
CA SER A 435 -23.48 -1.92 2.00
C SER A 435 -24.26 -1.33 0.83
N GLU A 436 -25.35 -2.01 0.44
CA GLU A 436 -26.15 -1.58 -0.70
C GLU A 436 -26.97 -0.34 -0.36
N ILE A 437 -26.86 0.68 -1.22
CA ILE A 437 -27.64 1.92 -1.13
C ILE A 437 -28.75 1.73 -2.17
N THR A 438 -30.00 1.62 -1.72
CA THR A 438 -31.16 1.43 -2.60
C THR A 438 -31.42 2.68 -3.45
N GLU A 439 -32.24 2.54 -4.51
CA GLU A 439 -32.56 3.68 -5.39
C GLU A 439 -33.41 4.71 -4.67
N GLN A 440 -34.19 4.27 -3.65
CA GLN A 440 -34.99 5.13 -2.77
C GLN A 440 -34.02 6.03 -1.99
N GLU A 441 -32.95 5.41 -1.43
CA GLU A 441 -31.90 6.05 -0.66
C GLU A 441 -31.07 6.99 -1.51
N LYS A 442 -30.80 6.62 -2.79
CA LYS A 442 -30.07 7.48 -3.75
C LYS A 442 -30.86 8.77 -4.05
N ASP A 443 -32.19 8.67 -4.33
CA ASP A 443 -33.06 9.82 -4.55
C ASP A 443 -33.10 10.67 -3.27
N PHE A 444 -33.22 10.01 -2.10
CA PHE A 444 -33.26 10.63 -0.77
C PHE A 444 -31.98 11.41 -0.47
N LEU A 445 -30.83 10.78 -0.65
CA LEU A 445 -29.54 11.41 -0.40
C LEU A 445 -29.34 12.63 -1.30
N TRP A 446 -29.67 12.50 -2.60
CA TRP A 446 -29.52 13.55 -3.59
C TRP A 446 -30.42 14.73 -3.30
N SER A 447 -31.67 14.47 -2.93
CA SER A 447 -32.65 15.52 -2.59
C SER A 447 -32.24 16.34 -1.36
N HIS A 448 -31.46 15.72 -0.45
CA HIS A 448 -30.95 16.37 0.76
C HIS A 448 -29.43 16.59 0.71
N ARG A 449 -28.88 16.77 -0.51
CA ARG A 449 -27.45 17.01 -0.75
C ARG A 449 -26.88 18.23 -0.02
N HIS A 450 -27.70 19.29 0.14
CA HIS A 450 -27.28 20.53 0.82
C HIS A 450 -27.14 20.33 2.33
N TYR A 451 -28.01 19.50 2.93
CA TYR A 451 -27.89 19.16 4.35
C TYR A 451 -26.67 18.24 4.56
N CYS A 452 -26.37 17.34 3.58
CA CYS A 452 -25.25 16.39 3.62
C CYS A 452 -23.92 17.04 3.94
N VAL A 453 -23.78 18.35 3.64
CA VAL A 453 -22.59 19.15 3.95
C VAL A 453 -22.28 19.14 5.47
N THR A 454 -23.34 19.09 6.32
CA THR A 454 -23.23 19.08 7.77
C THR A 454 -22.71 17.75 8.31
N ILE A 455 -22.82 16.66 7.52
CA ILE A 455 -22.27 15.34 7.85
C ILE A 455 -21.23 15.03 6.72
N PRO A 456 -20.02 15.62 6.77
CA PRO A 456 -19.07 15.48 5.65
C PRO A 456 -18.75 14.07 5.19
N GLU A 457 -18.65 13.14 6.14
CA GLU A 457 -18.30 11.74 5.88
C GLU A 457 -19.27 11.00 4.95
N ILE A 458 -20.48 11.55 4.71
CA ILE A 458 -21.45 10.92 3.84
C ILE A 458 -21.10 11.06 2.32
N LEU A 459 -20.16 11.97 1.96
CA LEU A 459 -19.78 12.25 0.56
C LEU A 459 -19.69 11.02 -0.36
N PRO A 460 -19.00 9.91 0.01
CA PRO A 460 -18.90 8.75 -0.90
C PRO A 460 -20.26 8.14 -1.27
N LYS A 461 -21.23 8.13 -0.31
CA LYS A 461 -22.59 7.63 -0.50
C LYS A 461 -23.38 8.56 -1.46
N LEU A 462 -23.32 9.89 -1.19
CA LEU A 462 -23.94 10.94 -2.00
C LEU A 462 -23.42 10.93 -3.45
N LEU A 463 -22.11 10.73 -3.63
CA LEU A 463 -21.50 10.72 -4.95
C LEU A 463 -22.04 9.59 -5.79
N LEU A 464 -22.24 8.40 -5.16
CA LEU A 464 -22.80 7.24 -5.86
C LEU A 464 -24.30 7.41 -6.16
N SER A 465 -24.96 8.36 -5.47
CA SER A 465 -26.37 8.70 -5.68
C SER A 465 -26.59 9.61 -6.94
N VAL A 466 -25.52 10.27 -7.44
CA VAL A 466 -25.53 11.17 -8.60
C VAL A 466 -25.79 10.43 -9.93
N LYS A 467 -26.57 11.05 -10.83
CA LYS A 467 -26.76 10.54 -12.18
C LYS A 467 -25.67 11.21 -13.00
N TRP A 468 -24.57 10.46 -13.22
CA TRP A 468 -23.36 10.93 -13.92
C TRP A 468 -23.54 11.23 -15.41
N ASN A 469 -24.66 10.73 -15.97
CA ASN A 469 -25.06 10.94 -17.35
C ASN A 469 -25.98 12.17 -17.46
N SER A 470 -26.00 13.04 -16.43
CA SER A 470 -26.78 14.27 -16.42
C SER A 470 -25.86 15.44 -16.06
N ARG A 471 -25.60 16.36 -17.01
CA ARG A 471 -24.73 17.53 -16.78
C ARG A 471 -25.31 18.47 -15.73
N ASP A 472 -26.65 18.50 -15.63
CA ASP A 472 -27.39 19.34 -14.71
C ASP A 472 -27.11 18.92 -13.27
N GLU A 473 -27.12 17.60 -12.99
CA GLU A 473 -26.84 17.09 -11.65
C GLU A 473 -25.34 17.21 -11.30
N VAL A 474 -24.45 16.69 -12.20
CA VAL A 474 -23.00 16.71 -12.09
C VAL A 474 -22.50 18.12 -11.79
N ALA A 475 -22.98 19.15 -12.54
CA ALA A 475 -22.59 20.54 -12.33
C ALA A 475 -22.92 21.00 -10.91
N GLN A 476 -24.09 20.57 -10.38
CA GLN A 476 -24.49 20.91 -9.01
C GLN A 476 -23.65 20.21 -7.97
N MET A 477 -23.27 18.95 -8.26
CA MET A 477 -22.41 18.12 -7.43
C MET A 477 -21.02 18.74 -7.36
N TYR A 478 -20.53 19.28 -8.50
CA TYR A 478 -19.22 19.93 -8.60
C TYR A 478 -19.11 21.12 -7.64
N CYS A 479 -20.17 21.90 -7.55
CA CYS A 479 -20.19 23.04 -6.65
C CYS A 479 -20.25 22.61 -5.18
N LEU A 480 -20.84 21.43 -4.89
CA LEU A 480 -20.89 20.89 -3.54
C LEU A 480 -19.50 20.44 -3.13
N VAL A 481 -18.81 19.69 -4.02
CA VAL A 481 -17.45 19.20 -3.81
C VAL A 481 -16.46 20.40 -3.59
N LYS A 482 -16.63 21.51 -4.37
CA LYS A 482 -15.80 22.73 -4.28
C LYS A 482 -15.72 23.24 -2.84
N ASP A 483 -16.90 23.43 -2.23
CA ASP A 483 -17.07 23.93 -0.86
C ASP A 483 -17.38 22.78 0.12
N TRP A 484 -16.82 21.59 -0.15
CA TRP A 484 -17.05 20.44 0.73
C TRP A 484 -16.04 20.44 1.85
N PRO A 485 -16.51 20.35 3.12
CA PRO A 485 -15.57 20.32 4.25
C PRO A 485 -14.61 19.15 4.18
N PRO A 486 -13.42 19.29 4.78
CA PRO A 486 -12.45 18.17 4.74
C PRO A 486 -12.91 16.98 5.56
N ILE A 487 -12.51 15.79 5.09
CA ILE A 487 -12.77 14.50 5.74
C ILE A 487 -11.42 13.85 6.10
N LYS A 488 -11.46 12.88 7.05
CA LYS A 488 -10.29 12.13 7.52
C LYS A 488 -9.53 11.49 6.35
N PRO A 489 -8.18 11.44 6.41
CA PRO A 489 -7.43 10.82 5.31
C PRO A 489 -7.95 9.44 4.97
N GLU A 490 -8.24 8.58 6.00
CA GLU A 490 -8.78 7.23 5.86
C GLU A 490 -10.12 7.21 5.09
N GLN A 491 -10.99 8.21 5.33
CA GLN A 491 -12.27 8.37 4.63
C GLN A 491 -12.04 8.89 3.19
N ALA A 492 -11.06 9.79 3.00
CA ALA A 492 -10.69 10.33 1.69
C ALA A 492 -10.14 9.27 0.73
N MET A 493 -9.42 8.24 1.27
CA MET A 493 -8.78 7.18 0.48
C MET A 493 -9.76 6.39 -0.34
N GLU A 494 -10.98 6.18 0.17
CA GLU A 494 -12.07 5.48 -0.54
C GLU A 494 -12.35 6.18 -1.87
N LEU A 495 -12.38 7.52 -1.85
CA LEU A 495 -12.61 8.37 -3.02
C LEU A 495 -11.51 8.33 -4.08
N LEU A 496 -10.45 7.56 -3.84
CA LEU A 496 -9.39 7.38 -4.84
C LEU A 496 -9.48 6.00 -5.53
N ASP A 497 -10.41 5.12 -5.07
CA ASP A 497 -10.57 3.80 -5.71
C ASP A 497 -11.33 3.91 -7.07
N CYS A 498 -11.54 2.74 -7.73
CA CYS A 498 -12.15 2.58 -9.05
C CYS A 498 -13.54 3.14 -9.18
N ASN A 499 -14.34 3.15 -8.07
CA ASN A 499 -15.72 3.68 -7.98
C ASN A 499 -15.82 5.18 -8.18
N TYR A 500 -14.72 5.91 -7.97
CA TYR A 500 -14.72 7.37 -8.02
C TYR A 500 -13.74 7.90 -9.08
N PRO A 501 -14.16 7.92 -10.37
CA PRO A 501 -13.23 8.36 -11.43
C PRO A 501 -13.16 9.86 -11.67
N ASP A 502 -14.17 10.61 -11.21
CA ASP A 502 -14.29 12.04 -11.46
C ASP A 502 -13.11 12.86 -10.89
N PRO A 503 -12.45 13.71 -11.72
CA PRO A 503 -11.27 14.47 -11.23
C PRO A 503 -11.52 15.48 -10.13
N MET A 504 -12.76 15.97 -10.04
CA MET A 504 -13.14 16.93 -9.01
C MET A 504 -13.21 16.22 -7.69
N VAL A 505 -13.71 14.94 -7.69
CA VAL A 505 -13.84 14.11 -6.49
C VAL A 505 -12.47 13.65 -6.00
N ARG A 506 -11.66 13.12 -6.92
CA ARG A 506 -10.29 12.63 -6.69
C ARG A 506 -9.36 13.73 -6.24
N GLY A 507 -9.51 14.93 -6.84
CA GLY A 507 -8.76 16.14 -6.49
C GLY A 507 -9.01 16.55 -5.05
N PHE A 508 -10.30 16.48 -4.61
CA PHE A 508 -10.71 16.76 -3.24
C PHE A 508 -10.04 15.78 -2.30
N ALA A 509 -10.03 14.47 -2.66
CA ALA A 509 -9.42 13.42 -1.84
C ALA A 509 -7.93 13.66 -1.64
N VAL A 510 -7.20 14.04 -2.71
CA VAL A 510 -5.75 14.32 -2.67
C VAL A 510 -5.50 15.54 -1.75
N ARG A 511 -6.38 16.54 -1.83
CA ARG A 511 -6.31 17.73 -0.98
C ARG A 511 -6.48 17.39 0.51
N CYS A 512 -7.31 16.37 0.85
CA CYS A 512 -7.48 15.92 2.24
C CYS A 512 -6.20 15.25 2.75
N LEU A 513 -5.51 14.47 1.87
CA LEU A 513 -4.26 13.78 2.21
C LEU A 513 -3.13 14.80 2.37
N GLU A 514 -3.13 15.84 1.51
CA GLU A 514 -2.13 16.91 1.56
C GLU A 514 -2.19 17.64 2.90
N LYS A 515 -3.41 17.91 3.39
CA LYS A 515 -3.66 18.61 4.64
C LYS A 515 -3.57 17.72 5.88
N TYR A 516 -4.06 16.49 5.85
CA TYR A 516 -4.12 15.69 7.08
C TYR A 516 -3.32 14.40 7.17
N LEU A 517 -2.74 13.93 6.07
CA LEU A 517 -1.99 12.68 6.15
C LEU A 517 -0.57 12.92 6.64
N THR A 518 -0.26 12.38 7.83
CA THR A 518 1.10 12.39 8.40
C THR A 518 2.00 11.47 7.53
N ASP A 519 3.33 11.68 7.57
CA ASP A 519 4.29 10.86 6.82
C ASP A 519 4.33 9.44 7.38
N ASP A 520 3.97 9.29 8.66
CA ASP A 520 3.84 7.96 9.28
C ASP A 520 2.73 7.20 8.56
N LYS A 521 1.53 7.83 8.49
CA LYS A 521 0.34 7.23 7.88
C LYS A 521 0.52 7.05 6.37
N LEU A 522 1.19 8.01 5.70
CA LEU A 522 1.52 7.90 4.27
C LEU A 522 2.36 6.67 4.06
N SER A 523 3.43 6.49 4.88
CA SER A 523 4.29 5.29 4.80
C SER A 523 3.46 4.04 5.05
N GLN A 524 2.53 4.08 6.02
CA GLN A 524 1.65 2.96 6.36
C GLN A 524 0.76 2.52 5.18
N TYR A 525 0.13 3.51 4.49
CA TYR A 525 -0.78 3.27 3.37
C TYR A 525 -0.18 3.50 1.97
N LEU A 526 1.15 3.56 1.85
CA LEU A 526 1.83 3.78 0.57
C LEU A 526 1.49 2.71 -0.46
N ILE A 527 1.37 1.41 -0.05
CA ILE A 527 1.00 0.41 -1.08
C ILE A 527 -0.32 0.73 -1.75
N GLN A 528 -1.36 1.14 -0.96
CA GLN A 528 -2.68 1.42 -1.54
C GLN A 528 -2.63 2.63 -2.46
N LEU A 529 -1.89 3.68 -2.04
CA LEU A 529 -1.77 4.92 -2.78
C LEU A 529 -1.04 4.72 -4.09
N VAL A 530 -0.06 3.82 -4.13
CA VAL A 530 0.65 3.49 -5.37
C VAL A 530 -0.31 2.77 -6.32
N GLN A 531 -1.14 1.87 -5.78
CA GLN A 531 -2.12 1.09 -6.56
C GLN A 531 -3.20 1.94 -7.22
N VAL A 532 -3.82 2.86 -6.47
CA VAL A 532 -4.91 3.67 -7.00
C VAL A 532 -4.47 4.62 -8.14
N LEU A 533 -3.13 4.88 -8.27
CA LEU A 533 -2.54 5.65 -9.38
C LEU A 533 -2.95 4.99 -10.69
N LYS A 534 -3.09 3.64 -10.68
CA LYS A 534 -3.46 2.88 -11.87
C LYS A 534 -4.85 3.20 -12.37
N TYR A 535 -5.75 3.74 -11.49
CA TYR A 535 -7.13 4.13 -11.83
C TYR A 535 -7.21 5.55 -12.34
N GLU A 536 -6.09 6.27 -12.42
CA GLU A 536 -6.08 7.66 -12.91
C GLU A 536 -6.20 7.68 -14.44
N GLN A 537 -7.02 8.57 -14.98
CA GLN A 537 -7.19 8.70 -16.45
C GLN A 537 -5.89 9.12 -17.17
N TYR A 538 -5.20 10.12 -16.57
CA TYR A 538 -4.02 10.69 -17.19
C TYR A 538 -2.73 10.46 -16.42
N LEU A 539 -1.59 10.55 -17.12
CA LEU A 539 -0.27 10.37 -16.52
C LEU A 539 0.01 11.48 -15.52
N ASP A 540 -0.37 12.72 -15.86
CA ASP A 540 -0.17 13.90 -15.03
C ASP A 540 -1.50 14.24 -14.32
N ASN A 541 -1.49 14.07 -12.99
CA ASN A 541 -2.66 14.27 -12.12
C ASN A 541 -2.23 14.73 -10.74
N LEU A 542 -3.21 15.11 -9.89
CA LEU A 542 -2.94 15.61 -8.54
C LEU A 542 -2.35 14.57 -7.61
N LEU A 543 -2.79 13.30 -7.73
CA LEU A 543 -2.32 12.20 -6.89
C LEU A 543 -0.86 11.92 -7.10
N VAL A 544 -0.44 11.76 -8.36
CA VAL A 544 0.95 11.44 -8.71
C VAL A 544 1.90 12.55 -8.27
N ARG A 545 1.44 13.82 -8.37
CA ARG A 545 2.24 14.97 -7.99
C ARG A 545 2.42 15.00 -6.51
N PHE A 546 1.39 14.58 -5.76
CA PHE A 546 1.41 14.56 -4.31
C PHE A 546 2.42 13.52 -3.83
N LEU A 547 2.32 12.30 -4.41
CA LEU A 547 3.17 11.18 -4.06
C LEU A 547 4.62 11.41 -4.45
N LEU A 548 4.88 11.96 -5.65
CA LEU A 548 6.25 12.26 -6.07
C LEU A 548 6.91 13.29 -5.15
N LYS A 549 6.21 14.39 -4.80
CA LYS A 549 6.76 15.43 -3.89
C LYS A 549 7.11 14.81 -2.54
N LYS A 550 6.25 13.94 -2.00
CA LYS A 550 6.52 13.29 -0.74
C LYS A 550 7.73 12.37 -0.85
N ALA A 551 7.83 11.57 -1.96
CA ALA A 551 8.96 10.66 -2.20
C ALA A 551 10.29 11.41 -2.30
N LEU A 552 10.27 12.64 -2.86
CA LEU A 552 11.44 13.50 -3.07
C LEU A 552 11.77 14.43 -1.89
N THR A 553 10.92 14.42 -0.85
CA THR A 553 11.16 15.26 0.33
C THR A 553 11.39 14.37 1.56
N ASN A 554 11.27 12.99 1.40
CA ASN A 554 11.42 11.96 2.45
C ASN A 554 11.99 10.67 1.84
N GLN A 555 13.24 10.36 2.17
CA GLN A 555 13.94 9.24 1.59
C GLN A 555 13.41 7.89 2.09
N ARG A 556 12.72 7.86 3.25
CA ARG A 556 12.14 6.61 3.78
C ARG A 556 10.90 6.28 2.94
N ILE A 557 10.16 7.33 2.52
CA ILE A 557 9.00 7.19 1.65
C ILE A 557 9.49 6.88 0.27
N GLY A 558 10.49 7.60 -0.20
CA GLY A 558 11.04 7.47 -1.54
C GLY A 558 11.56 6.10 -1.85
N HIS A 559 12.21 5.50 -0.85
CA HIS A 559 12.78 4.15 -1.00
C HIS A 559 11.69 3.18 -1.39
N PHE A 560 10.59 3.16 -0.60
CA PHE A 560 9.48 2.24 -0.83
C PHE A 560 8.64 2.62 -2.04
N PHE A 561 8.48 3.90 -2.32
CA PHE A 561 7.84 4.38 -3.55
C PHE A 561 8.59 3.78 -4.77
N PHE A 562 9.96 3.85 -4.79
CA PHE A 562 10.78 3.26 -5.85
C PHE A 562 10.48 1.73 -6.00
N TRP A 563 10.56 0.96 -4.88
CA TRP A 563 10.38 -0.49 -4.91
C TRP A 563 8.98 -0.92 -5.26
N HIS A 564 7.96 -0.21 -4.80
CA HIS A 564 6.57 -0.56 -5.17
C HIS A 564 6.32 -0.37 -6.69
N LEU A 565 6.89 0.71 -7.27
CA LEU A 565 6.80 1.00 -8.71
C LEU A 565 7.67 0.02 -9.48
N LYS A 566 8.93 -0.22 -9.01
CA LYS A 566 9.84 -1.14 -9.70
C LYS A 566 9.32 -2.57 -9.72
N SER A 567 8.72 -3.04 -8.59
CA SER A 567 8.21 -4.37 -8.51
C SER A 567 7.13 -4.68 -9.56
N GLU A 568 6.51 -3.64 -10.20
CA GLU A 568 5.46 -3.83 -11.23
C GLU A 568 5.89 -3.50 -12.64
N MET A 569 7.17 -3.15 -12.86
CA MET A 569 7.67 -2.79 -14.20
C MET A 569 7.55 -3.90 -15.25
N HIS A 570 7.45 -5.15 -14.80
CA HIS A 570 7.35 -6.33 -15.66
C HIS A 570 5.93 -6.47 -16.24
N ASN A 571 4.97 -5.70 -15.68
CA ASN A 571 3.58 -5.71 -16.05
C ASN A 571 3.36 -4.60 -17.06
N LYS A 572 3.07 -4.97 -18.32
CA LYS A 572 2.92 -4.02 -19.42
C LYS A 572 1.66 -3.12 -19.33
N THR A 573 0.70 -3.48 -18.48
CA THR A 573 -0.48 -2.71 -18.16
C THR A 573 -0.08 -1.42 -17.44
N VAL A 574 1.08 -1.41 -16.71
CA VAL A 574 1.55 -0.23 -15.95
C VAL A 574 2.99 0.23 -16.25
N SER A 575 3.77 -0.55 -17.05
CA SER A 575 5.17 -0.23 -17.33
C SER A 575 5.43 1.22 -17.85
N GLN A 576 4.54 1.80 -18.68
CA GLN A 576 4.78 3.16 -19.19
C GLN A 576 4.64 4.16 -18.07
N ARG A 577 3.47 4.18 -17.41
CA ARG A 577 3.15 5.10 -16.32
C ARG A 577 4.24 5.01 -15.23
N PHE A 578 4.53 3.78 -14.77
CA PHE A 578 5.50 3.54 -13.72
C PHE A 578 6.95 3.88 -14.16
N GLY A 579 7.32 3.55 -15.41
CA GLY A 579 8.62 3.88 -15.98
C GLY A 579 8.87 5.38 -16.01
N LEU A 580 7.89 6.14 -16.50
CA LEU A 580 7.97 7.60 -16.62
C LEU A 580 8.02 8.27 -15.25
N LEU A 581 7.29 7.68 -14.26
CA LEU A 581 7.21 8.20 -12.89
C LEU A 581 8.54 7.94 -12.22
N LEU A 582 9.09 6.73 -12.41
CA LEU A 582 10.40 6.33 -11.88
C LEU A 582 11.51 7.23 -12.44
N GLU A 583 11.46 7.55 -13.75
CA GLU A 583 12.44 8.43 -14.40
C GLU A 583 12.46 9.78 -13.68
N SER A 584 11.27 10.41 -13.52
CA SER A 584 11.16 11.69 -12.82
C SER A 584 11.70 11.60 -11.38
N TYR A 585 11.45 10.48 -10.68
CA TYR A 585 11.94 10.26 -9.30
C TYR A 585 13.48 10.25 -9.26
N CYS A 586 14.08 9.41 -10.13
CA CYS A 586 15.51 9.15 -10.24
C CYS A 586 16.29 10.40 -10.63
N ARG A 587 15.65 11.21 -11.47
CA ARG A 587 16.26 12.44 -11.93
C ARG A 587 16.40 13.49 -10.84
N ALA A 588 15.70 13.33 -9.70
CA ALA A 588 15.69 14.34 -8.63
C ALA A 588 15.91 13.83 -7.21
N CYS A 589 16.00 12.50 -7.01
CA CYS A 589 16.20 11.93 -5.65
C CYS A 589 17.61 12.22 -5.06
N GLY A 590 18.57 12.46 -5.93
CA GLY A 590 19.91 12.78 -5.48
C GLY A 590 20.82 11.59 -5.42
N MET A 591 21.61 11.50 -4.35
CA MET A 591 22.63 10.49 -4.08
C MET A 591 22.04 9.12 -3.93
N TYR A 592 20.80 9.05 -3.43
CA TYR A 592 20.12 7.78 -3.20
C TYR A 592 19.99 6.93 -4.46
N LEU A 593 20.10 7.53 -5.65
CA LEU A 593 20.01 6.79 -6.91
C LEU A 593 21.14 5.81 -6.96
N LYS A 594 22.33 6.24 -6.50
CA LYS A 594 23.54 5.41 -6.50
C LYS A 594 23.40 4.23 -5.56
N HIS A 595 22.77 4.45 -4.41
CA HIS A 595 22.48 3.45 -3.40
C HIS A 595 21.43 2.48 -3.84
N LEU A 596 20.37 2.98 -4.53
CA LEU A 596 19.28 2.15 -5.08
C LEU A 596 19.84 1.24 -6.15
N ASN A 597 20.78 1.77 -6.97
CA ASN A 597 21.41 0.98 -8.02
C ASN A 597 22.21 -0.20 -7.46
N ARG A 598 22.84 -0.03 -6.27
CA ARG A 598 23.57 -1.11 -5.61
C ARG A 598 22.58 -2.20 -5.23
N GLN A 599 21.41 -1.81 -4.69
CA GLN A 599 20.35 -2.73 -4.29
C GLN A 599 19.82 -3.47 -5.51
N VAL A 600 19.51 -2.73 -6.62
CA VAL A 600 19.00 -3.29 -7.88
C VAL A 600 19.97 -4.35 -8.42
N GLU A 601 21.31 -4.04 -8.43
CA GLU A 601 22.30 -5.03 -8.89
C GLU A 601 22.37 -6.24 -7.97
N ALA A 602 22.36 -6.03 -6.63
CA ALA A 602 22.37 -7.11 -5.63
C ALA A 602 21.19 -8.07 -5.84
N MET A 603 19.98 -7.50 -6.09
CA MET A 603 18.77 -8.30 -6.34
C MET A 603 18.90 -9.09 -7.62
N GLU A 604 19.40 -8.44 -8.70
N GLU A 604 19.36 -8.45 -8.72
CA GLU A 604 19.63 -9.04 -10.00
CA GLU A 604 19.59 -9.10 -10.03
C GLU A 604 20.49 -10.29 -9.91
C GLU A 604 20.48 -10.33 -9.89
N LYS A 605 21.59 -10.23 -9.13
CA LYS A 605 22.51 -11.37 -8.93
C LYS A 605 21.82 -12.50 -8.17
N LEU A 606 20.96 -12.15 -7.22
CA LEU A 606 20.20 -13.16 -6.50
C LEU A 606 19.14 -13.77 -7.40
N ILE A 607 18.51 -12.99 -8.27
CA ILE A 607 17.49 -13.54 -9.18
C ILE A 607 18.17 -14.50 -10.13
N ASN A 608 19.26 -14.05 -10.78
CA ASN A 608 19.97 -14.88 -11.74
C ASN A 608 20.50 -16.15 -11.12
N LEU A 609 20.95 -16.10 -9.84
CA LEU A 609 21.48 -17.29 -9.14
C LEU A 609 20.39 -18.27 -8.79
N THR A 610 19.26 -17.77 -8.24
CA THR A 610 18.12 -18.61 -7.89
C THR A 610 17.44 -19.21 -9.13
N ASP A 611 17.44 -18.45 -10.27
CA ASP A 611 16.91 -18.91 -11.55
C ASP A 611 17.72 -20.10 -12.06
N ILE A 612 19.06 -20.11 -11.86
CA ILE A 612 19.91 -21.24 -12.27
C ILE A 612 19.57 -22.46 -11.45
N LEU A 613 19.38 -22.29 -10.12
CA LEU A 613 19.06 -23.38 -9.20
C LEU A 613 17.68 -24.01 -9.46
N LYS A 614 16.69 -23.22 -9.92
CA LYS A 614 15.33 -23.69 -10.22
C LYS A 614 15.25 -24.33 -11.60
N GLN A 615 16.12 -23.92 -12.52
CA GLN A 615 16.09 -24.43 -13.88
C GLN A 615 17.09 -25.53 -14.03
N GLU A 616 18.39 -25.16 -14.05
CA GLU A 616 19.53 -26.03 -14.32
C GLU A 616 19.84 -27.09 -13.24
N LYS A 617 19.93 -26.68 -11.97
CA LYS A 617 20.35 -27.59 -10.91
C LYS A 617 19.24 -28.07 -9.97
N LYS A 618 17.94 -28.01 -10.37
CA LYS A 618 16.81 -28.36 -9.50
C LYS A 618 16.79 -29.81 -9.03
N ASP A 619 17.22 -30.74 -9.89
CA ASP A 619 17.23 -32.18 -9.60
C ASP A 619 18.59 -32.66 -9.09
N GLU A 620 19.04 -32.07 -7.97
CA GLU A 620 20.32 -32.43 -7.32
C GLU A 620 20.16 -32.34 -5.79
N THR A 621 21.10 -32.97 -5.05
CA THR A 621 21.11 -32.99 -3.58
C THR A 621 21.50 -31.63 -3.03
N GLN A 622 21.15 -31.38 -1.76
CA GLN A 622 21.46 -30.14 -1.06
C GLN A 622 22.98 -29.92 -1.06
N LYS A 623 23.82 -30.98 -0.80
CA LYS A 623 25.29 -30.86 -0.81
C LYS A 623 25.85 -30.34 -2.16
N VAL A 624 25.37 -30.93 -3.28
CA VAL A 624 25.73 -30.54 -4.65
C VAL A 624 25.26 -29.09 -4.95
N GLN A 625 23.99 -28.75 -4.59
CA GLN A 625 23.40 -27.44 -4.85
C GLN A 625 24.15 -26.36 -4.09
N MET A 626 24.49 -26.66 -2.82
CA MET A 626 25.22 -25.77 -1.92
C MET A 626 26.62 -25.54 -2.45
N LYS A 627 27.33 -26.62 -2.95
CA LYS A 627 28.66 -26.55 -3.57
C LYS A 627 28.62 -25.51 -4.71
N PHE A 628 27.60 -25.59 -5.57
CA PHE A 628 27.40 -24.67 -6.68
C PHE A 628 27.12 -23.25 -6.17
N LEU A 629 26.30 -23.13 -5.10
CA LEU A 629 25.93 -21.82 -4.53
C LEU A 629 27.14 -21.08 -4.02
N VAL A 630 27.96 -21.78 -3.20
CA VAL A 630 29.18 -21.30 -2.58
C VAL A 630 30.18 -20.84 -3.65
N GLU A 631 30.42 -21.69 -4.68
CA GLU A 631 31.32 -21.40 -5.80
C GLU A 631 30.89 -20.14 -6.54
N GLN A 632 29.59 -20.04 -6.88
CA GLN A 632 29.03 -18.90 -7.62
C GLN A 632 29.05 -17.58 -6.82
N MET A 633 28.83 -17.68 -5.50
CA MET A 633 28.84 -16.53 -4.59
C MET A 633 30.23 -15.96 -4.40
N ARG A 634 31.25 -16.82 -4.40
CA ARG A 634 32.66 -16.48 -4.19
C ARG A 634 33.31 -15.82 -5.40
N ARG A 635 32.60 -15.80 -6.56
CA ARG A 635 33.03 -15.15 -7.81
C ARG A 635 33.22 -13.64 -7.57
N PRO A 636 34.31 -13.02 -8.13
CA PRO A 636 34.59 -11.59 -7.89
C PRO A 636 33.45 -10.64 -8.18
N ASP A 637 32.80 -10.75 -9.35
CA ASP A 637 31.67 -9.92 -9.75
C ASP A 637 30.48 -10.09 -8.83
N PHE A 638 30.23 -11.32 -8.36
CA PHE A 638 29.14 -11.61 -7.46
C PHE A 638 29.40 -11.02 -6.08
N MET A 639 30.56 -11.39 -5.48
CA MET A 639 31.02 -10.97 -4.15
C MET A 639 30.86 -9.47 -3.95
N ASP A 640 31.40 -8.69 -4.89
CA ASP A 640 31.41 -7.24 -4.89
C ASP A 640 29.99 -6.70 -4.98
N ALA A 641 29.15 -7.27 -5.88
CA ALA A 641 27.76 -6.83 -6.05
C ALA A 641 26.88 -7.10 -4.84
N LEU A 642 27.11 -8.24 -4.20
CA LEU A 642 26.25 -8.68 -3.10
C LEU A 642 26.71 -8.31 -1.69
N GLN A 643 27.59 -7.33 -1.56
CA GLN A 643 27.95 -6.93 -0.21
C GLN A 643 28.29 -5.43 -0.15
N GLY A 644 27.90 -4.83 0.96
CA GLY A 644 28.10 -3.41 1.15
C GLY A 644 27.00 -2.61 0.47
N PHE A 645 25.75 -2.87 0.86
CA PHE A 645 24.58 -2.12 0.35
C PHE A 645 23.52 -2.05 1.42
N LEU A 646 22.41 -1.36 1.14
CA LEU A 646 21.35 -1.17 2.12
C LEU A 646 20.27 -2.20 1.91
N SER A 647 19.73 -2.77 2.99
CA SER A 647 18.67 -3.76 2.92
C SER A 647 17.46 -3.15 2.28
N PRO A 648 16.96 -3.63 1.11
CA PRO A 648 15.70 -3.08 0.56
C PRO A 648 14.53 -3.21 1.54
N LEU A 649 14.56 -4.18 2.47
CA LEU A 649 13.50 -4.34 3.46
C LEU A 649 13.40 -3.13 4.40
N ASN A 650 14.56 -2.57 4.80
CA ASN A 650 14.68 -1.41 5.70
C ASN A 650 16.04 -0.71 5.39
N PRO A 651 16.05 0.38 4.61
CA PRO A 651 17.33 0.96 4.19
C PRO A 651 18.18 1.57 5.32
N ALA A 652 17.71 1.46 6.57
CA ALA A 652 18.45 1.95 7.73
C ALA A 652 19.43 0.85 8.11
N HIS A 653 19.19 -0.35 7.62
CA HIS A 653 20.04 -1.51 7.86
C HIS A 653 21.12 -1.64 6.80
N GLN A 654 22.39 -1.49 7.22
CA GLN A 654 23.53 -1.67 6.33
C GLN A 654 23.88 -3.15 6.25
N LEU A 655 24.06 -3.62 5.04
CA LEU A 655 24.41 -5.00 4.90
C LEU A 655 25.89 -4.97 4.49
N GLY A 656 26.74 -5.38 5.42
CA GLY A 656 28.18 -5.37 5.22
C GLY A 656 28.65 -6.54 4.39
N ASN A 657 29.67 -7.28 4.88
CA ASN A 657 30.20 -8.45 4.19
C ASN A 657 29.30 -9.69 4.39
N LEU A 658 29.28 -10.59 3.40
CA LEU A 658 28.49 -11.80 3.47
C LEU A 658 29.18 -12.81 4.40
N ARG A 659 28.36 -13.57 5.16
CA ARG A 659 28.79 -14.68 6.02
C ARG A 659 28.36 -15.93 5.28
N LEU A 660 29.13 -16.29 4.25
CA LEU A 660 28.84 -17.43 3.38
C LEU A 660 28.62 -18.74 4.13
N GLU A 661 29.34 -18.93 5.24
CA GLU A 661 29.20 -20.12 6.04
C GLU A 661 27.81 -20.20 6.67
N GLU A 662 27.20 -19.04 6.93
CA GLU A 662 25.86 -18.95 7.52
C GLU A 662 24.71 -18.90 6.47
N CYS A 663 25.07 -18.72 5.19
CA CYS A 663 24.13 -18.72 4.06
C CYS A 663 23.79 -20.14 3.67
N ARG A 664 22.53 -20.41 3.30
CA ARG A 664 22.13 -21.77 2.90
C ARG A 664 20.90 -21.76 2.03
N ILE A 665 20.72 -22.84 1.25
CA ILE A 665 19.51 -23.05 0.42
C ILE A 665 18.50 -23.73 1.31
N MET A 666 17.31 -23.13 1.46
CA MET A 666 16.29 -23.67 2.34
C MET A 666 15.53 -24.87 1.75
N SER A 667 15.01 -25.74 2.65
CA SER A 667 14.23 -26.95 2.36
C SER A 667 12.75 -26.65 1.98
N SER A 668 12.36 -25.35 1.98
CA SER A 668 11.05 -24.90 1.54
C SER A 668 11.02 -24.99 -0.01
N ALA A 669 9.82 -25.17 -0.60
CA ALA A 669 9.70 -25.24 -2.06
C ALA A 669 9.94 -23.81 -2.59
N LYS A 670 10.48 -23.75 -3.84
CA LYS A 670 10.92 -22.55 -4.57
C LYS A 670 12.37 -22.25 -4.12
N ARG A 671 12.89 -23.14 -3.21
CA ARG A 671 14.22 -23.24 -2.57
C ARG A 671 14.78 -21.86 -2.24
N PRO A 672 14.18 -21.16 -1.25
CA PRO A 672 14.64 -19.80 -0.96
C PRO A 672 16.02 -19.76 -0.32
N LEU A 673 16.76 -18.68 -0.55
CA LEU A 673 18.08 -18.53 0.03
C LEU A 673 17.98 -17.83 1.38
N TRP A 674 18.64 -18.42 2.38
CA TRP A 674 18.79 -17.85 3.70
C TRP A 674 20.12 -17.12 3.60
N LEU A 675 20.12 -15.78 3.69
CA LEU A 675 21.35 -14.98 3.57
C LEU A 675 21.75 -14.28 4.88
N ASN A 676 23.06 -14.18 5.16
CA ASN A 676 23.57 -13.57 6.38
C ASN A 676 24.68 -12.58 6.06
N TRP A 677 24.54 -11.33 6.49
CA TRP A 677 25.53 -10.27 6.30
C TRP A 677 25.93 -9.71 7.65
N GLU A 678 27.20 -9.27 7.76
CA GLU A 678 27.69 -8.59 8.95
C GLU A 678 27.02 -7.22 9.00
N ASN A 679 26.72 -6.72 10.23
CA ASN A 679 26.22 -5.37 10.41
C ASN A 679 27.47 -4.54 10.69
N PRO A 680 27.85 -3.65 9.76
CA PRO A 680 29.06 -2.85 9.94
C PRO A 680 28.91 -1.63 10.85
N ASP A 681 27.80 -1.52 11.59
CA ASP A 681 27.59 -0.41 12.54
C ASP A 681 28.61 -0.54 13.67
N ILE A 682 29.13 0.59 14.20
CA ILE A 682 30.13 0.52 15.28
C ILE A 682 29.54 -0.03 16.56
N MET A 683 28.22 0.15 16.75
CA MET A 683 27.48 -0.35 17.91
C MET A 683 26.50 -1.46 17.48
N SER A 684 26.92 -2.35 16.56
CA SER A 684 26.10 -3.44 16.03
C SER A 684 25.70 -4.42 17.10
N GLU A 685 26.63 -4.69 18.02
CA GLU A 685 26.45 -5.56 19.19
C GLU A 685 25.21 -5.20 20.06
N LEU A 686 24.79 -3.92 20.06
CA LEU A 686 23.66 -3.44 20.86
C LEU A 686 22.31 -3.53 20.16
N LEU A 687 22.27 -4.06 18.91
CA LEU A 687 21.04 -4.28 18.16
C LEU A 687 21.06 -5.71 17.61
N PHE A 688 21.97 -5.96 16.65
CA PHE A 688 22.22 -7.26 16.04
C PHE A 688 23.53 -7.24 15.26
N GLN A 689 24.38 -8.24 15.49
CA GLN A 689 25.68 -8.30 14.81
C GLN A 689 25.60 -8.77 13.37
N ASN A 690 24.62 -9.65 13.08
CA ASN A 690 24.38 -10.19 11.75
C ASN A 690 22.94 -9.97 11.27
N ASN A 691 22.77 -9.50 10.03
CA ASN A 691 21.45 -9.29 9.43
C ASN A 691 21.08 -10.47 8.57
N GLU A 692 19.98 -11.17 8.93
CA GLU A 692 19.47 -12.37 8.25
C GLU A 692 18.22 -12.08 7.44
N ILE A 693 18.26 -12.42 6.14
CA ILE A 693 17.16 -12.18 5.20
C ILE A 693 16.92 -13.42 4.41
N ILE A 694 15.65 -13.71 4.10
CA ILE A 694 15.23 -14.81 3.25
C ILE A 694 14.91 -14.21 1.88
N PHE A 695 15.60 -14.66 0.84
CA PHE A 695 15.35 -14.22 -0.53
C PHE A 695 14.49 -15.32 -1.12
N LYS A 696 13.26 -15.00 -1.56
CA LYS A 696 12.37 -16.01 -2.12
C LYS A 696 12.04 -15.74 -3.59
N ASN A 697 12.32 -16.71 -4.48
CA ASN A 697 12.05 -16.62 -5.91
C ASN A 697 11.08 -17.74 -6.34
N GLY A 698 9.84 -17.35 -6.62
CA GLY A 698 8.80 -18.30 -7.02
C GLY A 698 7.42 -17.91 -6.55
N ASP A 699 7.30 -17.26 -5.39
CA ASP A 699 6.02 -16.85 -4.86
C ASP A 699 5.78 -15.36 -4.98
N ASP A 700 4.49 -15.03 -5.25
CA ASP A 700 3.94 -13.69 -5.32
C ASP A 700 3.87 -13.27 -3.85
N LEU A 701 4.62 -12.21 -3.48
CA LEU A 701 4.68 -11.79 -2.08
C LEU A 701 3.67 -10.72 -1.71
N ARG A 702 2.85 -10.33 -2.67
CA ARG A 702 1.90 -9.27 -2.47
C ARG A 702 0.77 -9.60 -1.48
N GLN A 703 0.30 -10.80 -1.44
CA GLN A 703 -0.77 -11.14 -0.51
C GLN A 703 -0.26 -11.06 0.93
N ASP A 704 0.96 -11.59 1.18
CA ASP A 704 1.58 -11.56 2.50
C ASP A 704 1.88 -10.10 2.92
N MET A 705 2.34 -9.27 1.97
CA MET A 705 2.63 -7.86 2.17
C MET A 705 1.39 -7.12 2.70
N LEU A 706 0.22 -7.32 2.04
CA LEU A 706 -1.09 -6.73 2.43
C LEU A 706 -1.59 -7.31 3.77
N THR A 707 -1.43 -8.62 4.02
CA THR A 707 -1.85 -9.25 5.28
C THR A 707 -1.07 -8.70 6.47
N LEU A 708 0.27 -8.62 6.31
CA LEU A 708 1.18 -8.12 7.33
C LEU A 708 0.91 -6.62 7.62
N GLN A 709 0.44 -5.89 6.60
CA GLN A 709 0.06 -4.48 6.77
C GLN A 709 -1.23 -4.42 7.63
N ILE A 710 -2.20 -5.30 7.31
CA ILE A 710 -3.47 -5.37 8.03
C ILE A 710 -3.22 -5.80 9.47
N ILE A 711 -2.35 -6.81 9.70
CA ILE A 711 -1.96 -7.27 11.04
C ILE A 711 -1.41 -6.10 11.89
N ARG A 712 -0.48 -5.31 11.30
CA ARG A 712 0.14 -4.12 11.92
C ARG A 712 -0.93 -3.12 12.34
N ILE A 713 -1.92 -2.86 11.45
CA ILE A 713 -3.04 -1.93 11.68
C ILE A 713 -3.95 -2.43 12.80
N MET A 714 -4.25 -3.73 12.79
CA MET A 714 -5.08 -4.37 13.82
C MET A 714 -4.42 -4.24 15.17
N GLU A 715 -3.10 -4.46 15.24
CA GLU A 715 -2.30 -4.37 16.47
C GLU A 715 -2.38 -2.94 17.05
N ASN A 716 -2.16 -1.92 16.17
CA ASN A 716 -2.19 -0.49 16.50
C ASN A 716 -3.55 -0.09 17.10
N ILE A 717 -4.67 -0.67 16.56
CA ILE A 717 -6.04 -0.44 17.04
C ILE A 717 -6.15 -0.94 18.46
N TRP A 718 -5.75 -2.21 18.67
CA TRP A 718 -5.79 -2.87 19.96
C TRP A 718 -4.96 -2.17 21.01
N GLN A 719 -3.78 -1.66 20.61
CA GLN A 719 -2.87 -0.99 21.53
C GLN A 719 -3.47 0.32 22.06
N ASN A 720 -4.10 1.11 21.14
CA ASN A 720 -4.77 2.40 21.47
C ASN A 720 -5.97 2.19 22.39
N GLN A 721 -6.70 1.07 22.18
CA GLN A 721 -7.86 0.68 22.97
C GLN A 721 -7.49 0.14 24.35
N GLY A 722 -6.22 -0.18 24.54
CA GLY A 722 -5.72 -0.70 25.81
C GLY A 722 -5.67 -2.21 25.95
N LEU A 723 -5.39 -2.94 24.84
CA LEU A 723 -5.29 -4.39 24.77
C LEU A 723 -3.88 -4.72 24.30
N ASP A 724 -2.96 -5.09 25.20
CA ASP A 724 -1.59 -5.43 24.78
C ASP A 724 -1.53 -6.85 24.15
N LEU A 725 -1.99 -6.97 22.89
CA LEU A 725 -1.95 -8.25 22.18
C LEU A 725 -0.86 -8.11 21.14
N ARG A 726 0.36 -8.54 21.48
CA ARG A 726 1.54 -8.40 20.62
C ARG A 726 1.52 -9.27 19.35
N MET A 727 1.52 -8.60 18.21
CA MET A 727 1.59 -9.23 16.90
C MET A 727 3.03 -9.15 16.36
N LEU A 728 3.29 -9.89 15.27
CA LEU A 728 4.59 -9.89 14.63
C LEU A 728 4.49 -9.69 13.13
N PRO A 729 4.20 -8.43 12.68
CA PRO A 729 4.17 -8.14 11.24
C PRO A 729 5.60 -7.98 10.70
N TYR A 730 6.29 -9.13 10.47
CA TYR A 730 7.67 -9.14 9.96
C TYR A 730 7.73 -8.54 8.57
N GLY A 731 8.90 -8.02 8.22
CA GLY A 731 9.19 -7.35 6.96
C GLY A 731 9.08 -8.27 5.77
N CYS A 732 8.39 -7.79 4.74
CA CYS A 732 8.11 -8.50 3.51
C CYS A 732 8.01 -7.46 2.41
N LEU A 733 8.76 -7.71 1.33
CA LEU A 733 8.81 -6.77 0.21
C LEU A 733 8.91 -7.53 -1.09
N SER A 734 7.95 -7.27 -1.98
CA SER A 734 7.96 -7.81 -3.32
C SER A 734 8.89 -6.88 -4.12
N ILE A 735 9.87 -7.45 -4.83
CA ILE A 735 10.83 -6.65 -5.60
C ILE A 735 10.64 -6.87 -7.10
N GLY A 736 9.73 -7.77 -7.46
CA GLY A 736 9.47 -8.07 -8.85
C GLY A 736 8.46 -9.16 -9.07
N ASP A 737 8.49 -9.72 -10.29
CA ASP A 737 7.58 -10.79 -10.70
C ASP A 737 7.88 -12.06 -9.93
N CYS A 738 7.16 -12.26 -8.79
CA CYS A 738 7.24 -13.41 -7.85
C CYS A 738 8.63 -13.58 -7.26
N VAL A 739 9.22 -12.46 -6.82
CA VAL A 739 10.56 -12.37 -6.25
C VAL A 739 10.46 -11.36 -5.14
N GLY A 740 11.05 -11.66 -3.99
CA GLY A 740 11.04 -10.71 -2.89
C GLY A 740 11.91 -11.07 -1.70
N LEU A 741 11.85 -10.23 -0.66
CA LEU A 741 12.62 -10.41 0.56
C LEU A 741 11.70 -10.61 1.75
N ILE A 742 12.13 -11.40 2.73
CA ILE A 742 11.41 -11.72 3.97
C ILE A 742 12.37 -11.55 5.18
N GLU A 743 11.95 -10.77 6.19
CA GLU A 743 12.70 -10.57 7.44
C GLU A 743 12.72 -11.86 8.22
N VAL A 744 13.92 -12.28 8.66
CA VAL A 744 14.12 -13.45 9.52
C VAL A 744 13.80 -13.03 10.94
N VAL A 745 12.83 -13.71 11.57
CA VAL A 745 12.47 -13.40 12.97
C VAL A 745 13.51 -14.13 13.82
N ARG A 746 14.28 -13.36 14.62
CA ARG A 746 15.35 -13.90 15.45
C ARG A 746 14.80 -14.71 16.62
N ASN A 747 15.50 -15.79 17.02
CA ASN A 747 15.15 -16.66 18.16
C ASN A 747 13.71 -17.21 18.11
N SER A 748 13.29 -17.68 16.92
CA SER A 748 11.96 -18.24 16.72
C SER A 748 12.06 -19.61 16.06
N HIS A 749 11.11 -20.49 16.39
CA HIS A 749 11.05 -21.86 15.86
C HIS A 749 9.61 -22.26 15.56
N THR A 750 9.39 -23.13 14.57
CA THR A 750 8.04 -23.61 14.25
C THR A 750 7.61 -24.59 15.32
N ILE A 751 6.30 -24.85 15.45
CA ILE A 751 5.72 -25.79 16.41
C ILE A 751 6.31 -27.20 16.18
N MET A 752 6.46 -27.60 14.90
CA MET A 752 7.02 -28.90 14.51
C MET A 752 8.47 -29.07 15.00
N GLN A 753 9.29 -27.99 14.89
CA GLN A 753 10.66 -28.11 15.34
C GLN A 753 10.75 -28.08 16.88
N ILE A 754 9.70 -27.59 17.58
CA ILE A 754 9.66 -27.67 19.06
C ILE A 754 9.46 -29.16 19.43
N GLN A 755 8.54 -29.84 18.71
CA GLN A 755 8.14 -31.24 18.89
C GLN A 755 9.21 -32.24 18.36
N CYS A 756 10.48 -32.10 18.83
CA CYS A 756 11.63 -32.93 18.47
C CYS A 756 12.57 -33.13 19.68
N ASN A 767 4.03 -35.66 22.54
CA ASN A 767 2.93 -35.43 23.48
C ASN A 767 2.37 -33.99 23.46
N SER A 768 1.24 -33.78 24.18
CA SER A 768 0.54 -32.50 24.24
C SER A 768 1.24 -31.47 25.13
N HIS A 769 1.98 -31.94 26.14
CA HIS A 769 2.68 -31.03 27.05
C HIS A 769 4.07 -30.57 26.52
N THR A 770 4.50 -31.06 25.34
CA THR A 770 5.79 -30.76 24.69
C THR A 770 6.07 -29.27 24.57
N LEU A 771 5.08 -28.50 24.08
CA LEU A 771 5.18 -27.05 23.85
C LEU A 771 5.30 -26.29 25.15
N HIS A 772 4.44 -26.63 26.13
CA HIS A 772 4.43 -26.00 27.44
C HIS A 772 5.73 -26.28 28.20
N GLN A 773 6.25 -27.53 28.08
CA GLN A 773 7.49 -27.98 28.70
C GLN A 773 8.68 -27.24 28.10
N TRP A 774 8.63 -26.96 26.78
CA TRP A 774 9.69 -26.23 26.08
C TRP A 774 9.78 -24.79 26.59
N LEU A 775 8.63 -24.10 26.75
CA LEU A 775 8.56 -22.72 27.21
C LEU A 775 8.91 -22.56 28.68
N LYS A 776 8.64 -23.60 29.48
CA LYS A 776 8.99 -23.66 30.89
C LYS A 776 10.52 -23.64 31.00
N ASP A 777 11.22 -24.47 30.17
CA ASP A 777 12.68 -24.59 30.14
C ASP A 777 13.37 -23.32 29.63
N LYS A 778 12.76 -22.64 28.66
CA LYS A 778 13.29 -21.40 28.10
C LYS A 778 13.04 -20.21 29.02
N ASN A 779 12.04 -20.31 29.91
CA ASN A 779 11.67 -19.25 30.85
C ASN A 779 11.51 -19.79 32.27
N LYS A 780 12.64 -20.15 32.92
CA LYS A 780 12.63 -20.68 34.30
C LYS A 780 12.58 -19.57 35.35
N GLY A 781 11.99 -19.88 36.49
CA GLY A 781 11.88 -18.94 37.61
C GLY A 781 10.76 -17.94 37.46
N GLU A 782 10.99 -16.71 37.94
CA GLU A 782 10.03 -15.60 37.93
C GLU A 782 9.64 -15.09 36.53
N ILE A 783 10.45 -15.38 35.49
CA ILE A 783 10.14 -14.93 34.13
C ILE A 783 9.00 -15.77 33.50
N TYR A 784 8.74 -17.00 34.03
CA TYR A 784 7.70 -17.93 33.57
C TYR A 784 6.32 -17.30 33.35
N ASP A 785 5.83 -16.52 34.33
CA ASP A 785 4.52 -15.88 34.27
C ASP A 785 4.39 -14.85 33.15
N ALA A 786 5.47 -14.11 32.86
CA ALA A 786 5.49 -13.15 31.73
C ALA A 786 5.47 -13.89 30.36
N ALA A 787 6.10 -15.06 30.28
CA ALA A 787 6.14 -15.86 29.07
C ALA A 787 4.76 -16.45 28.76
N ILE A 788 4.05 -16.95 29.78
CA ILE A 788 2.69 -17.50 29.61
C ILE A 788 1.75 -16.40 29.22
N ASP A 789 1.90 -15.21 29.85
CA ASP A 789 1.08 -14.03 29.55
C ASP A 789 1.28 -13.61 28.10
N LEU A 790 2.54 -13.49 27.65
CA LEU A 790 2.87 -13.09 26.29
C LEU A 790 2.33 -14.11 25.28
N PHE A 791 2.39 -15.40 25.62
CA PHE A 791 1.86 -16.48 24.78
C PHE A 791 0.35 -16.34 24.59
N THR A 792 -0.40 -16.26 25.72
CA THR A 792 -1.87 -16.12 25.74
C THR A 792 -2.32 -14.90 24.93
N ARG A 793 -1.67 -13.74 25.19
CA ARG A 793 -1.95 -12.45 24.55
C ARG A 793 -1.67 -12.47 23.05
N SER A 794 -0.52 -13.01 22.63
CA SER A 794 -0.17 -13.08 21.21
C SER A 794 -1.08 -14.07 20.48
N CYS A 795 -1.39 -15.19 21.16
CA CYS A 795 -2.28 -16.23 20.67
C CYS A 795 -3.67 -15.72 20.40
N ALA A 796 -4.18 -14.84 21.30
CA ALA A 796 -5.48 -14.22 21.19
C ALA A 796 -5.56 -13.27 19.97
N GLY A 797 -4.50 -12.51 19.72
CA GLY A 797 -4.40 -11.57 18.61
C GLY A 797 -4.42 -12.27 17.27
N TYR A 798 -3.62 -13.36 17.15
CA TYR A 798 -3.52 -14.15 15.91
C TYR A 798 -4.78 -14.97 15.64
N CYS A 799 -5.48 -15.42 16.71
CA CYS A 799 -6.76 -16.14 16.64
C CYS A 799 -7.83 -15.25 15.97
N VAL A 800 -7.96 -14.01 16.49
CA VAL A 800 -8.91 -13.02 16.00
C VAL A 800 -8.55 -12.58 14.57
N ALA A 801 -7.28 -12.17 14.35
CA ALA A 801 -6.78 -11.71 13.05
C ALA A 801 -6.99 -12.71 11.92
N THR A 802 -6.62 -13.98 12.15
CA THR A 802 -6.73 -15.03 11.13
C THR A 802 -8.17 -15.37 10.80
N PHE A 803 -9.08 -15.40 11.84
CA PHE A 803 -10.49 -15.68 11.64
C PHE A 803 -11.13 -14.60 10.77
N ILE A 804 -10.90 -13.31 11.10
CA ILE A 804 -11.47 -12.17 10.37
C ILE A 804 -11.05 -12.20 8.89
N LEU A 805 -9.74 -12.28 8.65
CA LEU A 805 -9.12 -12.23 7.33
C LEU A 805 -9.23 -13.51 6.50
N GLY A 806 -9.58 -14.63 7.12
CA GLY A 806 -9.73 -15.90 6.43
C GLY A 806 -8.43 -16.34 5.79
N ILE A 807 -7.34 -16.27 6.58
CA ILE A 807 -5.97 -16.65 6.18
C ILE A 807 -5.91 -18.17 5.94
N GLY A 808 -4.95 -18.60 5.10
CA GLY A 808 -4.71 -20.02 4.78
C GLY A 808 -4.58 -20.87 6.03
N ASP A 809 -5.04 -22.13 5.95
CA ASP A 809 -5.05 -23.03 7.11
C ASP A 809 -3.70 -23.17 7.81
N ARG A 810 -3.75 -23.01 9.14
CA ARG A 810 -2.61 -23.11 10.04
C ARG A 810 -2.24 -24.54 10.32
N HIS A 811 -0.94 -24.77 10.55
CA HIS A 811 -0.36 -26.05 10.95
C HIS A 811 0.97 -25.83 11.65
N ASN A 812 1.56 -26.91 12.16
CA ASN A 812 2.81 -26.99 12.91
C ASN A 812 4.05 -26.37 12.23
N SER A 813 4.04 -26.24 10.88
CA SER A 813 5.15 -25.66 10.12
C SER A 813 4.97 -24.17 9.76
N ASN A 814 3.73 -23.63 9.87
CA ASN A 814 3.49 -22.21 9.56
C ASN A 814 3.04 -21.39 10.81
N ILE A 815 3.17 -21.98 12.01
CA ILE A 815 2.97 -21.30 13.30
C ILE A 815 4.36 -21.32 13.93
N MET A 816 4.83 -20.17 14.44
CA MET A 816 6.11 -20.07 15.11
C MET A 816 5.96 -19.48 16.52
N VAL A 817 6.95 -19.77 17.39
CA VAL A 817 7.00 -19.29 18.78
C VAL A 817 8.41 -18.79 19.06
N LYS A 818 8.51 -17.62 19.72
CA LYS A 818 9.78 -17.06 20.14
C LYS A 818 10.15 -17.63 21.50
N ASP A 819 11.44 -17.53 21.87
CA ASP A 819 11.97 -18.02 23.15
C ASP A 819 11.26 -17.37 24.34
N ASP A 820 10.91 -16.07 24.23
CA ASP A 820 10.19 -15.31 25.25
C ASP A 820 8.71 -15.69 25.41
N GLY A 821 8.20 -16.51 24.49
CA GLY A 821 6.82 -16.97 24.50
C GLY A 821 5.91 -16.37 23.46
N GLN A 822 6.40 -15.41 22.65
CA GLN A 822 5.60 -14.74 21.62
C GLN A 822 5.24 -15.66 20.47
N LEU A 823 3.94 -15.96 20.32
CA LEU A 823 3.45 -16.77 19.20
C LEU A 823 3.16 -15.87 18.00
N PHE A 824 3.41 -16.38 16.79
CA PHE A 824 3.10 -15.68 15.53
C PHE A 824 2.98 -16.68 14.38
N HIS A 825 2.47 -16.21 13.24
CA HIS A 825 2.27 -17.01 12.06
C HIS A 825 3.13 -16.52 10.94
N ILE A 826 3.44 -17.41 10.02
CA ILE A 826 4.22 -17.10 8.83
C ILE A 826 3.52 -17.67 7.61
N ASP A 827 3.92 -17.19 6.42
CA ASP A 827 3.46 -17.65 5.11
C ASP A 827 1.95 -17.67 4.99
N PHE A 828 1.37 -16.47 4.83
CA PHE A 828 -0.08 -16.28 4.75
C PHE A 828 -0.66 -16.87 3.46
N GLY A 829 -0.07 -16.47 2.32
CA GLY A 829 -0.41 -16.99 1.00
C GLY A 829 -1.77 -16.56 0.48
N HIS A 830 -2.84 -17.04 1.13
CA HIS A 830 -4.21 -16.69 0.76
C HIS A 830 -4.98 -16.07 1.90
N PHE A 831 -5.90 -15.18 1.55
CA PHE A 831 -6.80 -14.53 2.48
C PHE A 831 -8.20 -14.59 1.90
N LEU A 832 -9.19 -14.18 2.70
CA LEU A 832 -10.62 -14.11 2.34
C LEU A 832 -11.15 -15.53 1.97
N ASP A 833 -12.14 -15.65 1.06
CA ASP A 833 -12.65 -17.00 0.75
C ASP A 833 -11.81 -17.69 -0.33
N HIS A 834 -10.62 -18.16 0.06
CA HIS A 834 -9.66 -18.87 -0.81
C HIS A 834 -10.14 -20.31 -1.16
N LYS A 835 -11.24 -20.75 -0.51
CA LYS A 835 -11.91 -22.01 -0.74
C LYS A 835 -12.81 -21.86 -1.98
N LYS A 836 -13.64 -20.78 -2.02
CA LYS A 836 -14.58 -20.37 -3.09
C LYS A 836 -15.85 -21.23 -3.13
N ARG A 843 -19.53 -21.94 6.85
CA ARG A 843 -19.01 -21.47 5.56
C ARG A 843 -17.84 -20.45 5.67
N GLU A 844 -17.63 -19.87 6.89
CA GLU A 844 -16.49 -19.00 7.23
C GLU A 844 -15.60 -19.87 8.12
N ARG A 845 -14.39 -20.18 7.65
CA ARG A 845 -13.48 -21.07 8.36
C ARG A 845 -12.81 -20.43 9.58
N VAL A 846 -12.17 -21.28 10.41
CA VAL A 846 -11.38 -20.90 11.58
C VAL A 846 -9.95 -21.43 11.27
N PRO A 847 -9.09 -20.59 10.62
CA PRO A 847 -7.75 -21.06 10.20
C PRO A 847 -6.85 -21.55 11.33
N PHE A 848 -6.89 -20.84 12.47
CA PHE A 848 -6.09 -21.13 13.65
C PHE A 848 -6.92 -21.83 14.75
N VAL A 849 -6.96 -23.17 14.66
CA VAL A 849 -7.63 -24.05 15.63
C VAL A 849 -6.63 -24.33 16.75
N LEU A 850 -6.99 -23.95 17.98
CA LEU A 850 -6.16 -24.14 19.15
C LEU A 850 -6.22 -25.58 19.60
N THR A 851 -5.16 -26.35 19.33
CA THR A 851 -5.08 -27.73 19.81
C THR A 851 -4.81 -27.72 21.32
N GLN A 852 -4.90 -28.90 21.97
CA GLN A 852 -4.62 -29.04 23.41
C GLN A 852 -3.23 -28.48 23.80
N ASP A 853 -2.25 -28.56 22.87
CA ASP A 853 -0.88 -28.07 23.04
C ASP A 853 -0.87 -26.61 23.49
N PHE A 854 -1.65 -25.75 22.78
CA PHE A 854 -1.77 -24.32 23.05
C PHE A 854 -2.56 -24.04 24.33
N LEU A 855 -3.63 -24.84 24.56
CA LEU A 855 -4.49 -24.68 25.72
C LEU A 855 -3.81 -25.04 27.04
N ILE A 856 -2.86 -26.01 26.98
CA ILE A 856 -2.08 -26.45 28.15
C ILE A 856 -1.18 -25.29 28.64
N VAL A 857 -0.49 -24.61 27.70
CA VAL A 857 0.39 -23.46 27.96
C VAL A 857 -0.46 -22.33 28.53
N ILE A 858 -1.63 -22.05 27.91
CA ILE A 858 -2.57 -21.00 28.35
C ILE A 858 -2.98 -21.23 29.82
N SER A 859 -3.36 -22.48 30.18
CA SER A 859 -3.80 -22.88 31.51
C SER A 859 -2.66 -23.22 32.52
N LYS A 860 -1.37 -22.95 32.13
CA LYS A 860 -0.14 -23.18 32.91
C LYS A 860 0.02 -24.65 33.37
N GLY A 861 -0.29 -25.58 32.47
CA GLY A 861 -0.23 -27.02 32.73
C GLY A 861 -1.39 -27.56 33.54
N ALA A 862 -2.63 -27.23 33.15
CA ALA A 862 -3.85 -27.67 33.84
C ALA A 862 -4.54 -28.82 33.13
N GLN A 863 -5.18 -29.70 33.91
CA GLN A 863 -5.92 -30.87 33.41
C GLN A 863 -7.18 -30.47 32.64
N GLU A 864 -8.11 -29.77 33.32
CA GLU A 864 -9.34 -29.29 32.70
C GLU A 864 -9.00 -27.96 32.02
N CYS A 865 -8.48 -28.03 30.77
CA CYS A 865 -8.02 -26.87 29.95
C CYS A 865 -9.14 -25.84 29.67
N THR A 866 -10.40 -26.30 29.57
CA THR A 866 -11.57 -25.49 29.28
C THR A 866 -11.98 -24.65 30.49
N LYS A 867 -12.35 -25.32 31.61
CA LYS A 867 -12.85 -24.67 32.82
C LYS A 867 -11.74 -24.18 33.78
N THR A 868 -11.03 -23.10 33.36
CA THR A 868 -9.96 -22.43 34.12
C THR A 868 -10.10 -20.92 33.97
N ARG A 869 -9.59 -20.17 34.96
CA ARG A 869 -9.61 -18.70 34.98
C ARG A 869 -8.72 -18.15 33.86
N GLU A 870 -7.62 -18.88 33.53
CA GLU A 870 -6.68 -18.51 32.47
C GLU A 870 -7.34 -18.55 31.08
N PHE A 871 -8.20 -19.56 30.85
CA PHE A 871 -8.94 -19.71 29.59
C PHE A 871 -10.04 -18.61 29.46
N GLU A 872 -10.75 -18.31 30.57
CA GLU A 872 -11.79 -17.27 30.66
C GLU A 872 -11.18 -15.89 30.35
N ARG A 873 -9.95 -15.64 30.85
CA ARG A 873 -9.19 -14.40 30.59
C ARG A 873 -8.87 -14.32 29.10
N PHE A 874 -8.40 -15.46 28.53
CA PHE A 874 -8.06 -15.62 27.13
C PHE A 874 -9.24 -15.35 26.19
N GLN A 875 -10.43 -15.85 26.55
CA GLN A 875 -11.65 -15.64 25.78
C GLN A 875 -12.03 -14.16 25.73
N GLU A 876 -11.93 -13.47 26.89
CA GLU A 876 -12.25 -12.03 27.06
C GLU A 876 -11.37 -11.19 26.18
N MET A 877 -10.09 -11.61 26.02
CA MET A 877 -9.11 -10.97 25.13
C MET A 877 -9.57 -11.07 23.68
N CYS A 878 -9.98 -12.28 23.24
CA CYS A 878 -10.46 -12.52 21.88
C CYS A 878 -11.72 -11.74 21.55
N TYR A 879 -12.66 -11.63 22.53
CA TYR A 879 -13.92 -10.91 22.36
C TYR A 879 -13.69 -9.42 22.21
N LYS A 880 -12.88 -8.84 23.11
CA LYS A 880 -12.49 -7.44 23.09
C LYS A 880 -11.78 -7.09 21.75
N ALA A 881 -10.87 -7.98 21.30
CA ALA A 881 -10.12 -7.82 20.06
C ALA A 881 -11.03 -7.92 18.85
N TYR A 882 -11.99 -8.87 18.88
CA TYR A 882 -12.94 -9.08 17.79
C TYR A 882 -13.77 -7.82 17.52
N LEU A 883 -14.40 -7.27 18.58
CA LEU A 883 -15.26 -6.09 18.54
C LEU A 883 -14.55 -4.82 18.12
N ALA A 884 -13.26 -4.69 18.52
CA ALA A 884 -12.41 -3.54 18.19
C ALA A 884 -12.28 -3.39 16.68
N ILE A 885 -11.98 -4.53 15.99
CA ILE A 885 -11.85 -4.57 14.53
C ILE A 885 -13.18 -4.33 13.86
N ARG A 886 -14.28 -4.75 14.51
CA ARG A 886 -15.63 -4.55 14.00
C ARG A 886 -15.92 -3.05 13.89
N GLN A 887 -15.44 -2.26 14.87
CA GLN A 887 -15.59 -0.80 14.94
C GLN A 887 -14.79 -0.06 13.84
N HIS A 888 -13.70 -0.68 13.37
CA HIS A 888 -12.84 -0.11 12.33
C HIS A 888 -13.01 -0.82 10.97
N ALA A 889 -14.17 -1.43 10.76
CA ALA A 889 -14.48 -2.21 9.56
C ALA A 889 -14.32 -1.45 8.23
N ASN A 890 -14.73 -0.18 8.21
CA ASN A 890 -14.73 0.65 7.00
C ASN A 890 -13.33 0.83 6.44
N LEU A 891 -12.32 0.95 7.34
CA LEU A 891 -10.89 1.07 6.96
C LEU A 891 -10.42 -0.18 6.21
N PHE A 892 -10.64 -1.38 6.80
CA PHE A 892 -10.22 -2.67 6.23
C PHE A 892 -10.90 -2.96 4.90
N ILE A 893 -12.20 -2.66 4.80
CA ILE A 893 -12.94 -2.80 3.54
C ILE A 893 -12.26 -1.90 2.47
N ASN A 894 -11.97 -0.62 2.86
CA ASN A 894 -11.35 0.36 1.97
C ASN A 894 -9.93 0.01 1.54
N LEU A 895 -9.12 -0.58 2.46
CA LEU A 895 -7.74 -0.99 2.16
C LEU A 895 -7.71 -2.15 1.16
N PHE A 896 -8.70 -3.04 1.25
CA PHE A 896 -8.87 -4.14 0.31
C PHE A 896 -9.40 -3.60 -1.03
N SER A 897 -10.33 -2.62 -1.01
CA SER A 897 -10.94 -2.06 -2.21
C SER A 897 -9.96 -1.35 -3.13
N MET A 898 -9.01 -0.62 -2.53
CA MET A 898 -7.95 0.13 -3.22
C MET A 898 -6.97 -0.86 -3.86
N MET A 899 -6.95 -2.10 -3.33
CA MET A 899 -6.08 -3.16 -3.78
C MET A 899 -6.66 -3.99 -4.94
N LEU A 900 -7.88 -3.65 -5.43
CA LEU A 900 -8.49 -4.40 -6.54
C LEU A 900 -7.75 -4.21 -7.88
N GLY A 901 -7.03 -3.09 -7.97
CA GLY A 901 -6.20 -2.67 -9.12
C GLY A 901 -5.05 -3.61 -9.43
N SER A 902 -4.45 -4.21 -8.37
CA SER A 902 -3.36 -5.18 -8.54
C SER A 902 -3.95 -6.53 -8.91
N GLY A 903 -3.17 -7.32 -9.61
CA GLY A 903 -3.64 -8.61 -10.08
C GLY A 903 -3.59 -9.75 -9.07
N MET A 904 -4.00 -9.50 -7.80
CA MET A 904 -3.99 -10.59 -6.81
C MET A 904 -5.20 -11.48 -7.06
N PRO A 905 -4.98 -12.79 -7.27
CA PRO A 905 -6.07 -13.69 -7.68
C PRO A 905 -7.28 -13.80 -6.76
N GLU A 906 -7.04 -13.69 -5.43
CA GLU A 906 -8.10 -13.82 -4.43
C GLU A 906 -8.78 -12.50 -4.10
N LEU A 907 -8.37 -11.42 -4.79
CA LEU A 907 -8.93 -10.09 -4.62
C LEU A 907 -9.18 -9.47 -6.00
N GLN A 908 -10.20 -10.02 -6.71
CA GLN A 908 -10.57 -9.62 -8.07
C GLN A 908 -11.88 -8.83 -8.17
N SER A 909 -12.83 -9.07 -7.23
CA SER A 909 -14.10 -8.35 -7.21
C SER A 909 -14.48 -7.95 -5.80
N PHE A 910 -15.54 -7.11 -5.67
CA PHE A 910 -16.04 -6.67 -4.38
C PHE A 910 -16.67 -7.82 -3.56
N ASP A 911 -17.05 -8.95 -4.23
CA ASP A 911 -17.61 -10.15 -3.61
C ASP A 911 -16.56 -10.88 -2.78
N ASP A 912 -15.28 -10.77 -3.21
CA ASP A 912 -14.13 -11.34 -2.48
C ASP A 912 -14.01 -10.60 -1.14
N ILE A 913 -14.12 -9.23 -1.20
CA ILE A 913 -14.00 -8.33 -0.05
C ILE A 913 -15.14 -8.57 0.93
N ALA A 914 -16.33 -8.91 0.41
CA ALA A 914 -17.53 -9.22 1.16
C ALA A 914 -17.34 -10.34 2.22
N TYR A 915 -16.26 -11.16 2.10
CA TYR A 915 -15.97 -12.16 3.11
C TYR A 915 -15.79 -11.52 4.49
N ILE A 916 -15.13 -10.34 4.57
CA ILE A 916 -14.92 -9.69 5.87
C ILE A 916 -16.23 -9.08 6.42
N ARG A 917 -17.21 -8.81 5.52
CA ARG A 917 -18.54 -8.39 5.93
C ARG A 917 -19.20 -9.54 6.75
N LYS A 918 -18.93 -10.81 6.35
CA LYS A 918 -19.45 -12.03 6.98
C LYS A 918 -18.78 -12.29 8.32
N THR A 919 -17.42 -12.33 8.34
CA THR A 919 -16.63 -12.60 9.55
C THR A 919 -16.81 -11.52 10.61
N LEU A 920 -17.00 -10.27 10.18
CA LEU A 920 -17.22 -9.17 11.13
C LEU A 920 -18.71 -8.99 11.50
N ALA A 921 -19.63 -9.74 10.82
CA ALA A 921 -21.09 -9.75 11.04
C ALA A 921 -21.64 -8.31 11.16
N LEU A 922 -21.41 -7.51 10.11
CA LEU A 922 -21.75 -6.09 10.07
C LEU A 922 -23.25 -5.79 10.00
N ASP A 923 -24.02 -6.64 9.30
CA ASP A 923 -25.48 -6.56 9.18
C ASP A 923 -26.12 -6.83 10.56
N LYS A 924 -25.53 -7.78 11.32
CA LYS A 924 -25.95 -8.18 12.66
C LYS A 924 -25.55 -7.12 13.71
N THR A 925 -26.14 -7.20 14.92
CA THR A 925 -25.84 -6.28 16.01
C THR A 925 -24.56 -6.68 16.72
N GLU A 926 -24.06 -5.82 17.64
CA GLU A 926 -22.82 -6.07 18.39
C GLU A 926 -22.92 -7.34 19.25
N GLN A 927 -24.06 -7.56 19.91
CA GLN A 927 -24.23 -8.77 20.72
C GLN A 927 -24.39 -10.00 19.83
N GLU A 928 -25.06 -9.85 18.67
CA GLU A 928 -25.25 -10.91 17.68
C GLU A 928 -23.90 -11.30 17.05
N ALA A 929 -22.97 -10.32 16.93
CA ALA A 929 -21.62 -10.52 16.39
C ALA A 929 -20.74 -11.33 17.34
N LEU A 930 -20.87 -11.12 18.67
CA LEU A 930 -20.14 -11.85 19.69
C LEU A 930 -20.62 -13.32 19.70
N GLU A 931 -21.95 -13.52 19.61
CA GLU A 931 -22.59 -14.83 19.58
C GLU A 931 -22.17 -15.62 18.35
N TYR A 932 -22.01 -14.91 17.20
CA TYR A 932 -21.57 -15.50 15.94
C TYR A 932 -20.12 -15.98 16.10
N PHE A 933 -19.24 -15.09 16.61
CA PHE A 933 -17.84 -15.39 16.85
C PHE A 933 -17.69 -16.57 17.81
N MET A 934 -18.45 -16.56 18.94
CA MET A 934 -18.43 -17.62 19.94
C MET A 934 -18.83 -18.96 19.34
N LYS A 935 -19.85 -18.96 18.45
CA LYS A 935 -20.34 -20.18 17.79
C LYS A 935 -19.33 -20.74 16.79
N GLN A 936 -18.66 -19.88 16.03
CA GLN A 936 -17.63 -20.31 15.08
C GLN A 936 -16.45 -20.98 15.81
N MET A 937 -16.04 -20.40 16.98
CA MET A 937 -14.97 -20.91 17.85
C MET A 937 -15.40 -22.20 18.54
N ASN A 938 -16.68 -22.30 18.96
CA ASN A 938 -17.25 -23.47 19.63
C ASN A 938 -17.25 -24.67 18.68
N ASP A 939 -17.70 -24.48 17.43
CA ASP A 939 -17.76 -25.53 16.40
C ASP A 939 -16.40 -25.99 15.93
N ALA A 940 -15.44 -25.06 15.80
CA ALA A 940 -14.08 -25.34 15.37
C ALA A 940 -13.31 -26.18 16.40
N HIS A 941 -13.39 -25.80 17.69
CA HIS A 941 -12.70 -26.43 18.82
C HIS A 941 -13.43 -27.60 19.46
N HIS A 942 -14.69 -27.86 19.02
CA HIS A 942 -15.59 -28.91 19.53
C HIS A 942 -15.87 -28.69 21.03
N GLY A 943 -16.42 -27.52 21.33
CA GLY A 943 -16.73 -27.07 22.68
C GLY A 943 -15.79 -25.97 23.18
N GLY A 944 -16.05 -25.54 24.41
CA GLY A 944 -15.27 -24.53 25.12
C GLY A 944 -15.78 -23.11 25.11
N TRP A 945 -16.41 -22.69 23.98
CA TRP A 945 -16.85 -21.31 23.74
C TRP A 945 -18.38 -21.12 23.86
C8 FDW B . 11.62 -21.30 8.39
N2 FDW B . 11.23 -19.87 8.30
C9 FDW B . 9.44 -17.63 6.30
C10 FDW B . 10.90 -17.64 8.46
C11 FDW B . 11.54 -18.76 9.11
N3 FDW B . 10.43 -19.50 7.27
C13 FDW B . 10.50 -22.07 9.09
C14 FDW B . 13.04 -21.53 8.98
C15 FDW B . 11.07 -16.41 9.06
N4 FDW B . 12.29 -18.73 10.27
C1 FDW B . 10.24 -18.17 7.33
C19 FDW B . 12.40 -17.45 10.75
N6 FDW B . 11.82 -16.27 10.23
N7 FDW B . 10.53 -15.31 8.52
N8 FDW B . 13.17 -17.33 11.88
C27 FDW B . 8.37 -16.79 6.52
C28 FDW B . 7.67 -16.47 5.37
C29 FDW B . 8.08 -16.95 4.08
C30 FDW B . 9.18 -17.72 3.87
C31 FDW B . 9.87 -18.03 5.01
O43 FDW B . 7.24 -16.55 3.11
C44 FDW B . 6.31 -15.79 3.82
N9 FDW B . 6.51 -15.71 5.18
N10 FDW B . 5.29 -15.24 3.07
#